data_6CAV
#
_entry.id   6CAV
#
_cell.length_a   89.990
_cell.length_b   98.340
_cell.length_c   93.220
_cell.angle_alpha   90.00
_cell.angle_beta   105.24
_cell.angle_gamma   90.00
#
_symmetry.space_group_name_H-M   'P 1 21 1'
#
loop_
_entity.id
_entity.type
_entity.pdbx_description
1 polymer 'Bifunctional AAC/APH'
2 non-polymer 'PHOSPHOAMINOPHOSPHONIC ACID-GUANYLATE ESTER'
3 non-polymer 'MAGNESIUM ION'
4 non-polymer 'CHLORIDE ION'
5 non-polymer Dibekacin
6 water water
#
_entity_poly.entity_id   1
_entity_poly.type   'polypeptide(L)'
_entity_poly.pdbx_seq_one_letter_code
;MEYRYDDNATNVKAMKYLIEHYFDNFKVDSIEIIGSGYDSVAYLVNNEYIFKTKFSTNKKKGYAKEKAIYNFLNTNLETN
VKIPNIEYSYISDELSILGYKEIKGTFLTPEIYSTMSEEEQNLLKRDIASFLRQMHGLDYTDISECTIDNKQNVLEEYIL
LRETIYNDLTDIEKDYIESFMERLNATTVFEGKKCLCHNDFSCNHLLLDGNNRLTGIIDFGDSGIIDEYCDFIYLLEDSE
EEIGTNFGEDILRMYGNIDIEKAKEYQDIVEEYYPIETIVYGIKNIKQEFIENGRKEIYKRTYKD
;
_entity_poly.pdbx_strand_id   A,B,C,D
#
# COMPACT_ATOMS: atom_id res chain seq x y z
N ALA A 9 22.40 -9.61 -14.01
CA ALA A 9 21.89 -8.66 -13.03
C ALA A 9 20.69 -7.84 -13.53
N THR A 10 19.83 -8.36 -14.41
CA THR A 10 18.59 -7.62 -14.76
C THR A 10 17.53 -7.54 -13.62
N ASN A 11 17.44 -8.66 -12.90
CA ASN A 11 16.43 -8.76 -11.79
C ASN A 11 16.73 -7.81 -10.70
N VAL A 12 18.03 -7.82 -10.39
CA VAL A 12 18.61 -6.98 -9.39
C VAL A 12 18.29 -5.53 -9.70
N LYS A 13 18.41 -5.15 -10.96
CA LYS A 13 18.21 -3.73 -11.36
C LYS A 13 16.78 -3.26 -11.17
N ALA A 14 15.83 -4.09 -11.59
CA ALA A 14 14.43 -3.77 -11.42
C ALA A 14 14.11 -3.62 -9.91
N MET A 15 14.66 -4.53 -9.11
CA MET A 15 14.33 -4.54 -7.70
C MET A 15 15.01 -3.37 -6.99
N LYS A 16 16.21 -3.02 -7.43
CA LYS A 16 16.91 -1.82 -6.95
C LYS A 16 16.06 -0.59 -7.22
N TYR A 17 15.50 -0.51 -8.43
CA TYR A 17 14.60 0.60 -8.77
C TYR A 17 13.39 0.64 -7.83
N LEU A 18 12.76 -0.51 -7.59
CA LEU A 18 11.52 -0.53 -6.80
C LEU A 18 11.78 -0.15 -5.34
N ILE A 19 12.88 -0.61 -4.80
CA ILE A 19 13.25 -0.30 -3.43
C ILE A 19 13.46 1.21 -3.25
N GLU A 20 14.26 1.78 -4.13
CA GLU A 20 14.54 3.19 -4.09
C GLU A 20 13.33 4.04 -4.40
N HIS A 21 12.42 3.48 -5.19
CA HIS A 21 11.20 4.20 -5.55
C HIS A 21 10.22 4.24 -4.36
N TYR A 22 10.03 3.10 -3.71
CA TYR A 22 9.01 3.04 -2.64
C TYR A 22 9.51 3.48 -1.26
N PHE A 23 10.83 3.35 -1.01
CA PHE A 23 11.41 3.78 0.26
C PHE A 23 12.34 4.96 0.01
N ASP A 24 11.81 6.17 0.17
CA ASP A 24 12.36 7.35 -0.56
C ASP A 24 13.83 7.67 -0.27
N ASN A 25 14.25 7.54 0.98
CA ASN A 25 15.62 7.92 1.38
C ASN A 25 16.56 6.72 1.33
N PHE A 26 16.14 5.57 0.81
CA PHE A 26 16.96 4.40 0.89
C PHE A 26 17.85 4.30 -0.33
N LYS A 27 19.15 4.21 -0.14
CA LYS A 27 20.10 4.10 -1.27
C LYS A 27 20.73 2.72 -1.37
N VAL A 28 20.55 2.07 -2.50
CA VAL A 28 21.10 0.75 -2.73
C VAL A 28 22.50 0.85 -3.29
N ASP A 29 23.50 0.52 -2.49
CA ASP A 29 24.88 0.46 -2.95
C ASP A 29 25.24 -0.91 -3.51
N SER A 30 24.68 -1.97 -2.94
CA SER A 30 24.88 -3.30 -3.46
C SER A 30 23.63 -4.13 -3.28
N ILE A 31 23.44 -5.11 -4.14
CA ILE A 31 22.23 -5.93 -4.09
C ILE A 31 22.46 -7.25 -4.81
N GLU A 32 22.20 -8.36 -4.13
CA GLU A 32 22.33 -9.68 -4.74
C GLU A 32 21.20 -10.59 -4.28
N ILE A 33 20.88 -11.56 -5.12
CA ILE A 33 19.85 -12.54 -4.85
C ILE A 33 20.41 -13.51 -3.80
N ILE A 34 19.71 -13.67 -2.68
CA ILE A 34 20.14 -14.51 -1.59
C ILE A 34 19.26 -15.74 -1.46
N GLY A 35 18.05 -15.68 -2.01
CA GLY A 35 17.23 -16.88 -2.14
C GLY A 35 16.00 -16.68 -3.00
N SER A 36 15.41 -17.80 -3.42
CA SER A 36 14.20 -17.74 -4.18
C SER A 36 13.33 -18.97 -4.04
N GLY A 37 12.04 -18.66 -4.00
CA GLY A 37 11.01 -19.67 -4.07
C GLY A 37 10.47 -19.63 -5.48
N TYR A 38 9.31 -20.20 -5.67
CA TYR A 38 8.79 -20.25 -7.00
C TYR A 38 8.01 -18.95 -7.30
N ASP A 39 7.55 -18.24 -6.26
CA ASP A 39 6.85 -16.98 -6.53
C ASP A 39 7.32 -15.84 -5.62
N SER A 40 8.57 -15.94 -5.15
CA SER A 40 9.17 -14.88 -4.38
C SER A 40 10.66 -14.82 -4.61
N VAL A 41 11.27 -13.66 -4.43
CA VAL A 41 12.72 -13.55 -4.43
C VAL A 41 13.15 -12.72 -3.26
N ALA A 42 14.22 -13.20 -2.63
CA ALA A 42 14.84 -12.47 -1.53
C ALA A 42 16.18 -11.93 -1.90
N TYR A 43 16.44 -10.69 -1.49
CA TYR A 43 17.67 -9.96 -1.86
C TYR A 43 18.46 -9.53 -0.62
N LEU A 44 19.77 -9.65 -0.69
CA LEU A 44 20.68 -9.05 0.33
C LEU A 44 21.16 -7.71 -0.21
N VAL A 45 20.88 -6.64 0.53
CA VAL A 45 21.10 -5.27 0.09
C VAL A 45 22.07 -4.58 1.04
N ASN A 46 23.09 -3.95 0.46
CA ASN A 46 24.14 -3.22 1.22
C ASN A 46 24.84 -4.14 2.24
N ASN A 47 24.85 -5.42 1.96
CA ASN A 47 25.36 -6.42 2.85
C ASN A 47 24.83 -6.37 4.29
N GLU A 48 23.59 -5.94 4.43
CA GLU A 48 23.04 -5.57 5.74
C GLU A 48 21.54 -5.80 5.85
N TYR A 49 20.79 -5.55 4.78
CA TYR A 49 19.34 -5.71 4.79
C TYR A 49 18.87 -6.86 3.94
N ILE A 50 17.84 -7.55 4.41
CA ILE A 50 17.16 -8.55 3.60
C ILE A 50 15.91 -7.87 3.12
N PHE A 51 15.69 -7.95 1.81
CA PHE A 51 14.40 -7.55 1.23
C PHE A 51 13.73 -8.77 0.58
N LYS A 52 12.60 -9.20 1.15
CA LYS A 52 11.76 -10.26 0.57
C LYS A 52 10.72 -9.60 -0.31
N THR A 53 10.50 -10.16 -1.48
CA THR A 53 9.58 -9.54 -2.42
C THR A 53 8.76 -10.55 -3.18
N LYS A 54 7.57 -10.10 -3.61
CA LYS A 54 6.60 -10.97 -4.21
C LYS A 54 5.68 -10.15 -5.09
N PHE A 55 5.20 -10.74 -6.16
CA PHE A 55 4.21 -10.06 -7.01
C PHE A 55 2.84 -10.65 -6.73
N TYR A 63 2.09 -10.46 1.86
CA TYR A 63 3.03 -10.20 2.96
C TYR A 63 2.46 -9.31 4.10
N ALA A 64 1.18 -8.95 4.01
CA ALA A 64 0.52 -8.30 5.10
C ALA A 64 0.48 -9.12 6.40
N LYS A 65 0.12 -10.41 6.32
CA LYS A 65 0.08 -11.25 7.52
C LYS A 65 1.45 -11.45 8.09
N GLU A 66 2.43 -11.68 7.26
CA GLU A 66 3.77 -11.91 7.71
C GLU A 66 4.27 -10.67 8.50
N LYS A 67 3.99 -9.49 7.98
CA LYS A 67 4.32 -8.26 8.67
C LYS A 67 3.59 -8.15 10.02
N ALA A 68 2.28 -8.44 10.02
CA ALA A 68 1.51 -8.44 11.25
C ALA A 68 2.10 -9.42 12.29
N ILE A 69 2.63 -10.52 11.81
CA ILE A 69 3.20 -11.48 12.75
C ILE A 69 4.53 -10.99 13.35
N TYR A 70 5.43 -10.45 12.51
CA TYR A 70 6.69 -9.93 13.07
C TYR A 70 6.39 -8.79 14.05
N ASN A 71 5.43 -7.94 13.74
CA ASN A 71 5.08 -6.88 14.63
C ASN A 71 4.55 -7.44 15.97
N PHE A 72 3.63 -8.41 15.91
CA PHE A 72 3.12 -9.05 17.12
C PHE A 72 4.26 -9.70 17.94
N LEU A 73 5.16 -10.41 17.24
CA LEU A 73 6.19 -11.13 17.96
C LEU A 73 7.25 -10.22 18.56
N ASN A 74 7.58 -9.17 17.86
CA ASN A 74 8.63 -8.23 18.36
C ASN A 74 8.14 -7.44 19.55
N THR A 75 6.83 -7.25 19.65
CA THR A 75 6.20 -6.71 20.86
C THR A 75 6.15 -7.71 22.01
N ASN A 76 5.82 -8.96 21.74
CA ASN A 76 5.42 -9.89 22.83
C ASN A 76 6.43 -10.95 23.23
N LEU A 77 7.38 -11.29 22.37
CA LEU A 77 8.33 -12.35 22.71
C LEU A 77 9.40 -11.81 23.62
N GLU A 78 9.74 -12.58 24.67
CA GLU A 78 10.95 -12.33 25.43
C GLU A 78 11.91 -13.52 25.19
N THR A 79 12.95 -13.24 24.44
CA THR A 79 13.88 -14.25 24.00
C THR A 79 15.11 -13.54 23.54
N ASN A 80 16.25 -14.22 23.59
CA ASN A 80 17.48 -13.67 23.01
C ASN A 80 17.68 -14.14 21.57
N VAL A 81 16.79 -15.01 21.09
CA VAL A 81 16.84 -15.45 19.72
C VAL A 81 16.32 -14.33 18.82
N LYS A 82 17.08 -14.00 17.79
CA LYS A 82 16.65 -12.92 16.89
C LYS A 82 15.68 -13.35 15.83
N ILE A 83 14.75 -12.49 15.47
CA ILE A 83 13.81 -12.69 14.39
C ILE A 83 13.75 -11.43 13.54
N PRO A 84 13.16 -11.50 12.32
CA PRO A 84 13.07 -10.28 11.53
C PRO A 84 12.35 -9.17 12.27
N ASN A 85 12.88 -7.96 12.13
CA ASN A 85 12.22 -6.76 12.62
C ASN A 85 11.96 -5.84 11.45
N ILE A 86 10.69 -5.73 11.04
CA ILE A 86 10.38 -5.02 9.83
C ILE A 86 10.60 -3.51 9.91
N GLU A 87 11.52 -3.00 9.09
CA GLU A 87 11.75 -1.58 9.00
C GLU A 87 11.16 -1.00 7.77
N TYR A 88 11.03 -1.77 6.71
CA TYR A 88 10.49 -1.28 5.44
C TYR A 88 9.40 -2.19 4.96
N SER A 89 8.27 -1.60 4.63
CA SER A 89 7.22 -2.41 4.06
C SER A 89 6.48 -1.62 3.00
N TYR A 90 6.19 -2.30 1.89
CA TYR A 90 5.26 -1.82 0.87
C TYR A 90 4.36 -2.97 0.50
N ILE A 91 3.07 -2.78 0.68
CA ILE A 91 2.12 -3.84 0.43
C ILE A 91 0.97 -3.34 -0.41
N SER A 92 0.83 -4.00 -1.56
CA SER A 92 -0.23 -3.73 -2.54
C SER A 92 -0.67 -5.05 -3.13
N ASP A 93 -1.76 -4.98 -3.87
CA ASP A 93 -2.33 -6.14 -4.57
C ASP A 93 -1.28 -6.83 -5.47
N GLU A 94 -0.51 -5.99 -6.14
CA GLU A 94 0.37 -6.39 -7.24
C GLU A 94 1.81 -6.64 -6.77
N LEU A 95 2.20 -6.08 -5.64
CA LEU A 95 3.57 -6.10 -5.21
C LEU A 95 3.68 -5.97 -3.70
N SER A 96 4.49 -6.80 -3.10
CA SER A 96 4.81 -6.71 -1.68
C SER A 96 6.30 -6.80 -1.46
N ILE A 97 6.80 -5.90 -0.61
CA ILE A 97 8.17 -5.91 -0.19
C ILE A 97 8.27 -5.77 1.33
N LEU A 98 9.10 -6.60 1.96
CA LEU A 98 9.47 -6.47 3.35
C LEU A 98 10.95 -6.38 3.47
N GLY A 99 11.42 -5.39 4.24
CA GLY A 99 12.83 -5.23 4.49
C GLY A 99 13.14 -5.19 5.99
N TYR A 100 14.23 -5.87 6.33
CA TYR A 100 14.67 -5.96 7.72
C TYR A 100 16.15 -6.21 7.74
N LYS A 101 16.78 -5.95 8.88
CA LYS A 101 18.21 -6.19 8.99
C LYS A 101 18.49 -7.67 9.02
N GLU A 102 19.45 -8.07 8.19
CA GLU A 102 19.89 -9.45 8.08
C GLU A 102 20.32 -9.95 9.42
N ILE A 103 19.79 -11.09 9.81
CA ILE A 103 20.26 -11.78 11.03
C ILE A 103 21.49 -12.56 10.63
N LYS A 104 22.59 -12.30 11.34
CA LYS A 104 23.89 -12.89 11.00
C LYS A 104 24.03 -14.25 11.67
N GLY A 105 24.61 -15.20 10.94
CA GLY A 105 24.70 -16.55 11.42
C GLY A 105 24.92 -17.51 10.31
N THR A 106 24.99 -18.78 10.66
CA THR A 106 25.10 -19.91 9.72
C THR A 106 23.85 -20.76 9.82
N PHE A 107 23.27 -21.16 8.70
CA PHE A 107 22.07 -21.97 8.73
C PHE A 107 22.38 -23.40 9.14
N LEU A 108 21.58 -23.94 10.02
CA LEU A 108 21.71 -25.31 10.44
C LEU A 108 21.48 -26.28 9.27
N THR A 109 22.37 -27.25 9.16
CA THR A 109 22.28 -28.32 8.18
C THR A 109 22.63 -29.65 8.87
N PRO A 110 22.20 -30.76 8.25
CA PRO A 110 22.61 -32.08 8.73
C PRO A 110 24.13 -32.25 8.90
N GLU A 111 24.89 -31.73 7.95
CA GLU A 111 26.32 -31.83 7.96
C GLU A 111 26.95 -31.12 9.17
N ILE A 112 26.47 -29.92 9.43
CA ILE A 112 26.94 -29.16 10.57
C ILE A 112 26.57 -29.87 11.88
N TYR A 113 25.35 -30.40 11.94
CA TYR A 113 24.89 -31.04 13.14
C TYR A 113 25.76 -32.27 13.50
N SER A 114 26.17 -33.01 12.49
CA SER A 114 26.93 -34.21 12.69
C SER A 114 28.35 -33.95 13.20
N THR A 115 28.89 -32.76 12.95
CA THR A 115 30.19 -32.40 13.48
C THR A 115 30.10 -31.85 14.93
N MET A 116 28.90 -31.57 15.39
CA MET A 116 28.80 -30.98 16.73
C MET A 116 29.03 -32.05 17.81
N SER A 117 29.65 -31.71 18.91
CA SER A 117 29.73 -32.59 20.08
C SER A 117 28.34 -32.89 20.63
N GLU A 118 28.21 -33.97 21.38
CA GLU A 118 26.93 -34.33 21.99
C GLU A 118 26.35 -33.18 22.85
N GLU A 119 27.21 -32.50 23.59
CA GLU A 119 26.79 -31.39 24.43
C GLU A 119 26.30 -30.21 23.59
N GLU A 120 26.99 -29.90 22.49
CA GLU A 120 26.58 -28.88 21.59
C GLU A 120 25.23 -29.18 21.00
N GLN A 121 25.03 -30.44 20.60
CA GLN A 121 23.75 -30.84 20.08
C GLN A 121 22.68 -30.64 21.12
N ASN A 122 22.99 -31.02 22.37
CA ASN A 122 21.98 -30.93 23.40
C ASN A 122 21.58 -29.52 23.65
N LEU A 123 22.53 -28.58 23.65
CA LEU A 123 22.23 -27.17 23.91
C LEU A 123 21.33 -26.59 22.77
N LEU A 124 21.65 -26.99 21.52
CA LEU A 124 20.86 -26.51 20.40
C LEU A 124 19.40 -27.00 20.52
N LYS A 125 19.23 -28.27 20.80
CA LYS A 125 17.90 -28.82 21.02
C LYS A 125 17.19 -28.11 22.14
N ARG A 126 17.88 -27.77 23.18
CA ARG A 126 17.24 -27.08 24.31
C ARG A 126 16.85 -25.67 23.93
N ASP A 127 17.70 -25.01 23.15
CA ASP A 127 17.41 -23.67 22.67
C ASP A 127 16.09 -23.69 21.81
N ILE A 128 16.01 -24.71 20.96
CA ILE A 128 14.88 -24.82 20.08
C ILE A 128 13.61 -25.07 20.92
N ALA A 129 13.68 -26.01 21.84
CA ALA A 129 12.55 -26.32 22.71
C ALA A 129 12.11 -25.12 23.47
N SER A 130 13.06 -24.34 23.95
CA SER A 130 12.76 -23.19 24.77
C SER A 130 12.05 -22.11 23.96
N PHE A 131 12.53 -21.92 22.73
CA PHE A 131 11.92 -20.91 21.85
C PHE A 131 10.46 -21.30 21.53
N LEU A 132 10.26 -22.55 21.16
CA LEU A 132 8.96 -23.04 20.83
C LEU A 132 8.01 -22.94 22.02
N ARG A 133 8.51 -23.26 23.21
CA ARG A 133 7.70 -23.20 24.40
C ARG A 133 7.24 -21.75 24.66
N GLN A 134 8.16 -20.82 24.51
CA GLN A 134 7.81 -19.43 24.70
C GLN A 134 6.81 -18.93 23.64
N MET A 135 7.02 -19.28 22.38
CA MET A 135 6.12 -18.80 21.34
C MET A 135 4.74 -19.41 21.51
N HIS A 136 4.69 -20.72 21.73
CA HIS A 136 3.41 -21.42 21.86
C HIS A 136 2.64 -21.01 23.11
N GLY A 137 3.34 -20.43 24.09
CA GLY A 137 2.71 -19.96 25.32
C GLY A 137 2.16 -18.55 25.24
N LEU A 138 2.41 -17.83 24.15
CA LEU A 138 1.92 -16.47 24.03
C LEU A 138 0.41 -16.41 23.94
N ASP A 139 -0.17 -15.44 24.66
CA ASP A 139 -1.54 -15.10 24.52
C ASP A 139 -1.64 -14.49 23.12
N TYR A 140 -2.44 -15.10 22.28
CA TYR A 140 -2.55 -14.75 20.86
C TYR A 140 -3.77 -13.94 20.51
N THR A 141 -4.43 -13.37 21.51
CA THR A 141 -5.62 -12.54 21.32
C THR A 141 -5.37 -11.41 20.29
N ASP A 142 -4.23 -10.76 20.40
CA ASP A 142 -3.88 -9.64 19.51
C ASP A 142 -3.55 -10.04 18.05
N ILE A 143 -3.39 -11.33 17.78
CA ILE A 143 -3.18 -11.85 16.45
C ILE A 143 -4.29 -12.83 16.04
N SER A 144 -5.48 -12.68 16.62
CA SER A 144 -6.49 -13.76 16.56
C SER A 144 -7.12 -13.95 15.18
N GLU A 145 -6.95 -12.96 14.32
CA GLU A 145 -7.29 -13.07 12.88
C GLU A 145 -6.47 -14.11 12.12
N CYS A 146 -5.28 -14.44 12.63
CA CYS A 146 -4.31 -15.31 11.91
C CYS A 146 -4.54 -16.81 12.16
N THR A 147 -5.78 -17.24 12.11
CA THR A 147 -6.08 -18.64 12.51
C THR A 147 -6.03 -19.45 11.25
N ILE A 148 -5.59 -20.69 11.39
CA ILE A 148 -5.46 -21.64 10.31
C ILE A 148 -6.08 -22.95 10.75
N ASP A 149 -7.02 -23.48 10.02
CA ASP A 149 -7.55 -24.83 10.29
C ASP A 149 -7.06 -25.78 9.19
N ASN A 150 -6.04 -26.58 9.48
CA ASN A 150 -5.49 -27.48 8.48
C ASN A 150 -6.49 -28.52 7.94
N LYS A 151 -7.30 -29.10 8.80
CA LYS A 151 -8.23 -30.13 8.35
C LYS A 151 -9.23 -29.52 7.34
N GLN A 152 -9.79 -28.38 7.72
CA GLN A 152 -10.68 -27.67 6.84
C GLN A 152 -10.04 -27.23 5.54
N ASN A 153 -8.81 -26.77 5.60
CA ASN A 153 -8.04 -26.39 4.39
C ASN A 153 -7.90 -27.57 3.48
N VAL A 154 -7.58 -28.74 4.02
CA VAL A 154 -7.45 -29.94 3.22
C VAL A 154 -8.76 -30.31 2.57
N LEU A 155 -9.86 -30.25 3.31
CA LEU A 155 -11.14 -30.55 2.73
C LEU A 155 -11.46 -29.63 1.59
N GLU A 156 -11.13 -28.36 1.73
CA GLU A 156 -11.37 -27.40 0.65
C GLU A 156 -10.49 -27.62 -0.55
N GLU A 157 -9.26 -28.00 -0.33
CA GLU A 157 -8.37 -28.36 -1.43
C GLU A 157 -8.86 -29.61 -2.13
N TYR A 158 -9.40 -30.57 -1.39
CA TYR A 158 -10.00 -31.77 -1.99
C TYR A 158 -11.19 -31.41 -2.87
N ILE A 159 -12.02 -30.50 -2.42
CA ILE A 159 -13.15 -30.09 -3.21
C ILE A 159 -12.72 -29.44 -4.51
N LEU A 160 -11.67 -28.64 -4.43
CA LEU A 160 -11.08 -28.03 -5.63
C LEU A 160 -10.58 -29.10 -6.57
N LEU A 161 -9.96 -30.18 -6.07
CA LEU A 161 -9.54 -31.28 -6.92
C LEU A 161 -10.74 -31.86 -7.63
N ARG A 162 -11.81 -32.11 -6.88
CA ARG A 162 -12.99 -32.72 -7.43
C ARG A 162 -13.62 -31.86 -8.49
N GLU A 163 -13.48 -30.55 -8.36
CA GLU A 163 -14.07 -29.59 -9.32
C GLU A 163 -13.20 -29.42 -10.55
N THR A 164 -11.95 -29.90 -10.51
CA THR A 164 -11.02 -29.63 -11.61
C THR A 164 -10.55 -30.91 -12.27
N ILE A 165 -9.44 -31.45 -11.79
CA ILE A 165 -8.77 -32.56 -12.48
C ILE A 165 -8.98 -33.96 -11.94
N TYR A 166 -9.69 -34.10 -10.84
CA TYR A 166 -9.82 -35.43 -10.21
C TYR A 166 -10.32 -36.50 -11.17
N ASN A 167 -11.29 -36.19 -12.03
CA ASN A 167 -11.86 -37.18 -12.91
C ASN A 167 -10.86 -37.69 -13.97
N ASP A 168 -9.87 -36.89 -14.30
CA ASP A 168 -8.84 -37.31 -15.23
C ASP A 168 -7.64 -38.05 -14.60
N LEU A 169 -7.60 -38.19 -13.28
CA LEU A 169 -6.49 -38.87 -12.65
C LEU A 169 -6.60 -40.37 -12.87
N THR A 170 -5.50 -41.08 -12.72
CA THR A 170 -5.52 -42.53 -12.78
C THR A 170 -6.12 -43.16 -11.52
N ASP A 171 -6.49 -44.44 -11.61
CA ASP A 171 -7.03 -45.12 -10.44
C ASP A 171 -5.99 -45.17 -9.31
N ILE A 172 -4.70 -45.37 -9.62
CA ILE A 172 -3.68 -45.35 -8.59
C ILE A 172 -3.63 -43.99 -7.86
N GLU A 173 -3.74 -42.92 -8.62
CA GLU A 173 -3.69 -41.57 -8.07
C GLU A 173 -4.92 -41.32 -7.22
N LYS A 174 -6.07 -41.67 -7.76
CA LYS A 174 -7.33 -41.55 -7.00
C LYS A 174 -7.28 -42.33 -5.70
N ASP A 175 -6.78 -43.56 -5.74
CA ASP A 175 -6.71 -44.36 -4.50
C ASP A 175 -5.76 -43.75 -3.46
N TYR A 176 -4.67 -43.16 -3.89
CA TYR A 176 -3.76 -42.49 -2.97
C TYR A 176 -4.49 -41.35 -2.26
N ILE A 177 -5.23 -40.57 -3.04
CA ILE A 177 -5.98 -39.46 -2.48
C ILE A 177 -7.10 -39.93 -1.54
N GLU A 178 -7.88 -40.92 -1.96
CA GLU A 178 -8.99 -41.40 -1.14
C GLU A 178 -8.54 -42.08 0.10
N SER A 179 -7.41 -42.71 0.02
CA SER A 179 -6.82 -43.37 1.19
C SER A 179 -6.34 -42.34 2.19
N PHE A 180 -5.79 -41.25 1.69
CA PHE A 180 -5.39 -40.15 2.57
C PHE A 180 -6.61 -39.51 3.24
N MET A 181 -7.67 -39.28 2.47
CA MET A 181 -8.89 -38.64 3.04
C MET A 181 -9.54 -39.53 4.11
N GLU A 182 -9.47 -40.83 3.92
CA GLU A 182 -9.95 -41.79 4.92
C GLU A 182 -9.16 -41.67 6.22
N ARG A 183 -7.85 -41.60 6.09
CA ARG A 183 -7.01 -41.41 7.23
C ARG A 183 -7.29 -40.08 7.92
N LEU A 184 -7.42 -39.04 7.12
CA LEU A 184 -7.72 -37.71 7.66
C LEU A 184 -9.02 -37.67 8.44
N ASN A 185 -10.01 -38.43 7.98
CA ASN A 185 -11.30 -38.45 8.61
C ASN A 185 -11.30 -39.21 9.94
N ALA A 186 -10.46 -40.23 10.03
CA ALA A 186 -10.36 -41.05 11.23
C ALA A 186 -9.40 -40.50 12.32
N THR A 187 -8.45 -39.67 11.95
CA THR A 187 -7.44 -39.22 12.89
C THR A 187 -8.01 -38.34 14.00
N THR A 188 -7.34 -38.29 15.14
CA THR A 188 -7.76 -37.35 16.21
C THR A 188 -6.76 -36.18 16.38
N VAL A 189 -5.70 -36.15 15.57
CA VAL A 189 -4.59 -35.21 15.80
C VAL A 189 -4.92 -33.75 15.54
N PHE A 190 -6.09 -33.42 14.97
CA PHE A 190 -6.49 -32.01 14.84
C PHE A 190 -7.34 -31.49 15.96
N GLU A 191 -7.49 -32.29 17.00
CA GLU A 191 -8.43 -31.93 18.04
C GLU A 191 -7.73 -31.43 19.30
N GLY A 192 -6.42 -31.24 19.27
CA GLY A 192 -5.66 -30.84 20.42
C GLY A 192 -5.46 -29.33 20.54
N LYS A 193 -4.45 -28.94 21.34
CA LYS A 193 -4.18 -27.57 21.61
C LYS A 193 -3.82 -26.78 20.35
N LYS A 194 -4.39 -25.59 20.26
CA LYS A 194 -4.09 -24.60 19.25
C LYS A 194 -3.21 -23.54 19.87
N CYS A 195 -2.26 -23.02 19.11
CA CYS A 195 -1.46 -21.91 19.56
C CYS A 195 -0.78 -21.27 18.38
N LEU A 196 -0.08 -20.19 18.59
CA LEU A 196 0.69 -19.57 17.55
C LEU A 196 1.92 -20.39 17.26
N CYS A 197 2.04 -20.82 15.99
CA CYS A 197 3.18 -21.57 15.50
C CYS A 197 3.87 -20.87 14.35
N HIS A 198 5.18 -21.09 14.28
CA HIS A 198 6.01 -20.66 13.13
C HIS A 198 5.44 -21.28 11.88
N ASN A 199 5.17 -22.58 11.97
CA ASN A 199 4.51 -23.40 10.91
C ASN A 199 5.33 -23.62 9.66
N ASP A 200 6.63 -23.36 9.69
CA ASP A 200 7.53 -23.80 8.62
C ASP A 200 8.92 -23.96 9.20
N PHE A 201 8.96 -24.69 10.31
CA PHE A 201 10.09 -24.70 11.23
C PHE A 201 11.10 -25.75 10.85
N SER A 202 11.84 -25.46 9.79
CA SER A 202 12.78 -26.41 9.20
C SER A 202 14.15 -25.88 9.40
N CYS A 203 15.19 -26.69 9.23
CA CYS A 203 16.53 -26.18 9.60
C CYS A 203 17.09 -25.14 8.68
N ASN A 204 16.63 -25.03 7.45
CA ASN A 204 16.99 -23.90 6.57
C ASN A 204 16.40 -22.51 7.05
N HIS A 205 15.59 -22.50 8.12
CA HIS A 205 15.15 -21.26 8.73
C HIS A 205 15.80 -20.98 10.09
N LEU A 206 16.77 -21.80 10.48
CA LEU A 206 17.42 -21.69 11.78
C LEU A 206 18.86 -21.29 11.66
N LEU A 207 19.23 -20.20 12.33
CA LEU A 207 20.58 -19.66 12.30
C LEU A 207 21.35 -20.01 13.57
N LEU A 208 22.56 -20.48 13.40
CA LEU A 208 23.51 -20.68 14.49
C LEU A 208 24.58 -19.59 14.56
N ASP A 209 25.03 -19.27 15.78
CA ASP A 209 26.19 -18.40 15.97
C ASP A 209 27.50 -19.22 15.94
N GLY A 210 28.61 -18.58 16.21
CA GLY A 210 29.93 -19.24 16.18
C GLY A 210 30.15 -20.36 17.19
N ASN A 211 29.34 -20.43 18.23
CA ASN A 211 29.34 -21.56 19.16
C ASN A 211 28.29 -22.63 18.87
N ASN A 212 27.69 -22.62 17.66
CA ASN A 212 26.63 -23.57 17.26
C ASN A 212 25.41 -23.52 18.16
N ARG A 213 25.14 -22.34 18.70
CA ARG A 213 23.96 -22.09 19.50
C ARG A 213 22.95 -21.39 18.58
N LEU A 214 21.70 -21.65 18.82
CA LEU A 214 20.61 -21.02 18.09
C LEU A 214 20.67 -19.54 18.35
N THR A 215 20.83 -18.78 17.27
CA THR A 215 20.94 -17.33 17.36
C THR A 215 19.81 -16.57 16.68
N GLY A 216 19.22 -17.19 15.67
CA GLY A 216 18.08 -16.56 15.00
C GLY A 216 17.20 -17.51 14.24
N ILE A 217 15.97 -17.04 13.99
CA ILE A 217 14.94 -17.75 13.23
C ILE A 217 14.29 -16.79 12.24
N ILE A 218 14.09 -17.28 11.03
CA ILE A 218 13.46 -16.49 9.95
C ILE A 218 12.24 -17.14 9.38
N ASP A 219 11.59 -16.44 8.49
CA ASP A 219 10.47 -16.95 7.65
C ASP A 219 9.30 -17.37 8.47
N PHE A 220 8.65 -16.39 9.10
CA PHE A 220 7.39 -16.62 9.84
C PHE A 220 6.22 -16.39 8.87
N GLY A 221 6.49 -16.53 7.56
CA GLY A 221 5.50 -16.30 6.55
C GLY A 221 4.28 -17.21 6.55
N ASP A 222 4.40 -18.42 7.10
CA ASP A 222 3.30 -19.33 7.18
C ASP A 222 2.68 -19.34 8.58
N SER A 223 3.14 -18.48 9.46
CA SER A 223 2.75 -18.56 10.84
C SER A 223 1.28 -18.22 11.07
N GLY A 224 0.74 -18.83 12.10
CA GLY A 224 -0.62 -18.72 12.43
C GLY A 224 -0.99 -19.47 13.69
N ILE A 225 -2.22 -19.27 14.13
CA ILE A 225 -2.80 -20.00 15.21
C ILE A 225 -3.32 -21.31 14.67
N ILE A 226 -2.74 -22.42 15.12
CA ILE A 226 -2.85 -23.71 14.49
C ILE A 226 -2.51 -24.79 15.49
N ASP A 227 -2.64 -26.07 15.12
CA ASP A 227 -2.25 -27.15 16.02
C ASP A 227 -0.79 -27.03 16.51
N GLU A 228 -0.63 -27.18 17.82
CA GLU A 228 0.67 -27.18 18.46
C GLU A 228 1.65 -28.16 17.82
N TYR A 229 1.13 -29.29 17.32
CA TYR A 229 1.96 -30.34 16.68
C TYR A 229 2.71 -29.82 15.47
N CYS A 230 2.16 -28.80 14.81
CA CYS A 230 2.70 -28.28 13.55
C CYS A 230 4.12 -27.84 13.58
N ASP A 231 4.58 -27.29 14.68
CA ASP A 231 5.96 -26.82 14.73
C ASP A 231 7.01 -27.93 14.88
N PHE A 232 6.54 -29.18 14.92
CA PHE A 232 7.46 -30.31 14.99
C PHE A 232 7.55 -31.16 13.76
N ILE A 233 6.82 -30.79 12.74
CA ILE A 233 6.69 -31.53 11.49
C ILE A 233 8.00 -31.70 10.78
N TYR A 234 8.81 -30.67 10.77
CA TYR A 234 10.10 -30.76 10.03
C TYR A 234 11.20 -31.26 10.94
N LEU A 235 11.09 -30.95 12.25
CA LEU A 235 12.04 -31.48 13.21
C LEU A 235 11.96 -33.01 13.25
N LEU A 236 10.80 -33.54 12.97
CA LEU A 236 10.58 -34.98 12.94
C LEU A 236 10.79 -35.64 11.62
N GLU A 237 11.11 -34.86 10.60
CA GLU A 237 11.17 -35.37 9.20
C GLU A 237 12.43 -36.11 8.97
N ASP A 238 12.27 -37.25 8.28
CA ASP A 238 13.39 -38.07 7.84
C ASP A 238 13.65 -37.76 6.36
N SER A 239 14.65 -36.93 6.05
CA SER A 239 14.97 -36.55 4.68
C SER A 239 16.38 -36.01 4.63
N GLU A 240 16.86 -35.74 3.43
CA GLU A 240 18.20 -35.18 3.25
C GLU A 240 18.35 -33.74 3.76
N GLU A 241 17.24 -33.03 3.79
CA GLU A 241 17.25 -31.62 4.17
C GLU A 241 17.22 -31.43 5.68
N GLU A 242 16.66 -32.40 6.39
CA GLU A 242 16.46 -32.26 7.83
C GLU A 242 17.38 -33.18 8.62
N ILE A 243 17.50 -32.94 9.88
CA ILE A 243 18.40 -33.66 10.73
C ILE A 243 17.98 -35.09 10.95
N GLY A 244 16.71 -35.29 11.26
CA GLY A 244 16.19 -36.65 11.46
C GLY A 244 15.23 -36.76 12.63
N THR A 245 14.49 -37.84 12.59
CA THR A 245 13.45 -38.16 13.59
C THR A 245 13.98 -38.10 15.04
N ASN A 246 15.22 -38.55 15.31
CA ASN A 246 15.72 -38.50 16.67
C ASN A 246 15.87 -37.13 17.26
N PHE A 247 16.22 -36.19 16.40
CA PHE A 247 16.34 -34.78 16.71
C PHE A 247 15.03 -34.22 17.19
N GLY A 248 13.99 -34.48 16.40
CA GLY A 248 12.61 -34.09 16.73
C GLY A 248 12.07 -34.75 18.00
N GLU A 249 12.36 -36.04 18.19
CA GLU A 249 11.90 -36.73 19.38
C GLU A 249 12.53 -36.11 20.62
N ASP A 250 13.84 -35.85 20.57
CA ASP A 250 14.51 -35.29 21.72
C ASP A 250 13.99 -33.91 22.05
N ILE A 251 13.71 -33.11 21.02
CA ILE A 251 13.18 -31.78 21.20
C ILE A 251 11.81 -31.86 21.84
N LEU A 252 11.01 -32.81 21.38
CA LEU A 252 9.70 -33.01 21.98
C LEU A 252 9.77 -33.36 23.47
N ARG A 253 10.74 -34.19 23.83
CA ARG A 253 10.91 -34.57 25.25
C ARG A 253 11.33 -33.39 26.06
N MET A 254 12.23 -32.56 25.54
CA MET A 254 12.64 -31.33 26.24
C MET A 254 11.54 -30.33 26.34
N TYR A 255 10.74 -30.23 25.30
CA TYR A 255 9.63 -29.27 25.27
C TYR A 255 8.61 -29.67 26.31
N GLY A 256 8.29 -30.97 26.38
CA GLY A 256 7.40 -31.53 27.39
C GLY A 256 5.91 -31.23 27.24
N ASN A 257 5.07 -31.93 27.98
CA ASN A 257 3.63 -31.76 27.99
C ASN A 257 3.04 -31.78 26.61
N ILE A 258 3.47 -32.75 25.83
CA ILE A 258 2.92 -32.95 24.51
C ILE A 258 3.03 -34.43 24.16
N ASP A 259 1.99 -34.92 23.51
CA ASP A 259 1.88 -36.33 23.15
C ASP A 259 2.75 -36.61 21.93
N ILE A 260 3.86 -37.29 22.14
CA ILE A 260 4.86 -37.51 21.10
C ILE A 260 4.33 -38.41 19.99
N GLU A 261 3.52 -39.39 20.33
CA GLU A 261 2.99 -40.29 19.32
C GLU A 261 2.06 -39.52 18.38
N LYS A 262 1.24 -38.62 18.93
CA LYS A 262 0.37 -37.83 18.09
C LYS A 262 1.11 -36.83 17.28
N ALA A 263 2.16 -36.25 17.80
CA ALA A 263 3.03 -35.37 16.99
C ALA A 263 3.61 -36.13 15.83
N LYS A 264 4.00 -37.39 16.04
CA LYS A 264 4.47 -38.19 14.94
C LYS A 264 3.41 -38.57 13.98
N GLU A 265 2.21 -38.85 14.46
CA GLU A 265 1.08 -39.12 13.57
C GLU A 265 0.79 -37.91 12.70
N TYR A 266 0.83 -36.72 13.29
CA TYR A 266 0.57 -35.47 12.59
C TYR A 266 1.60 -35.28 11.52
N GLN A 267 2.87 -35.44 11.84
CA GLN A 267 3.92 -35.35 10.82
C GLN A 267 3.72 -36.38 9.71
N ASP A 268 3.32 -37.61 10.05
CA ASP A 268 3.20 -38.63 9.04
C ASP A 268 2.06 -38.34 8.07
N ILE A 269 0.97 -37.82 8.61
CA ILE A 269 -0.18 -37.43 7.79
C ILE A 269 0.18 -36.27 6.86
N VAL A 270 0.89 -35.27 7.38
CA VAL A 270 1.33 -34.15 6.57
C VAL A 270 2.25 -34.65 5.49
N GLU A 271 3.13 -35.59 5.80
CA GLU A 271 4.06 -36.12 4.81
C GLU A 271 3.26 -36.84 3.73
N GLU A 272 2.24 -37.59 4.11
CA GLU A 272 1.42 -38.29 3.15
C GLU A 272 0.73 -37.32 2.21
N TYR A 273 0.33 -36.17 2.72
CA TYR A 273 -0.37 -35.13 1.96
C TYR A 273 0.50 -34.43 0.94
N TYR A 274 1.81 -34.42 1.15
CA TYR A 274 2.72 -33.60 0.33
C TYR A 274 2.51 -33.64 -1.18
N PRO A 275 2.44 -34.84 -1.79
CA PRO A 275 2.16 -34.92 -3.23
C PRO A 275 0.83 -34.27 -3.64
N ILE A 276 -0.17 -34.38 -2.80
CA ILE A 276 -1.48 -33.81 -3.11
C ILE A 276 -1.39 -32.31 -3.00
N GLU A 277 -0.70 -31.84 -1.96
CA GLU A 277 -0.47 -30.42 -1.78
C GLU A 277 0.23 -29.83 -3.02
N THR A 278 1.17 -30.59 -3.57
CA THR A 278 1.93 -30.19 -4.71
C THR A 278 1.01 -30.10 -5.93
N ILE A 279 0.15 -31.09 -6.10
CA ILE A 279 -0.82 -31.05 -7.20
C ILE A 279 -1.72 -29.81 -7.12
N VAL A 280 -2.22 -29.56 -5.93
CA VAL A 280 -3.15 -28.48 -5.66
C VAL A 280 -2.49 -27.12 -5.92
N TYR A 281 -1.23 -26.98 -5.54
CA TYR A 281 -0.48 -25.78 -5.84
C TYR A 281 -0.43 -25.58 -7.34
N GLY A 282 -0.22 -26.64 -8.11
CA GLY A 282 -0.15 -26.54 -9.55
C GLY A 282 -1.48 -26.10 -10.16
N ILE A 283 -2.57 -26.61 -9.61
CA ILE A 283 -3.88 -26.21 -10.10
C ILE A 283 -4.16 -24.75 -9.82
N LYS A 284 -3.96 -24.35 -8.57
CA LYS A 284 -4.26 -22.97 -8.12
C LYS A 284 -3.45 -21.92 -8.85
N ASN A 285 -2.21 -22.24 -9.14
CA ASN A 285 -1.27 -21.29 -9.78
C ASN A 285 -1.08 -21.56 -11.26
N ILE A 286 -1.92 -22.43 -11.82
CA ILE A 286 -1.85 -22.78 -13.24
C ILE A 286 -0.41 -23.14 -13.65
N LYS A 287 0.16 -24.14 -12.96
CA LYS A 287 1.53 -24.58 -13.20
C LYS A 287 1.55 -26.10 -13.38
N GLN A 288 1.46 -26.53 -14.65
CA GLN A 288 1.31 -27.94 -14.98
C GLN A 288 2.43 -28.81 -14.42
N GLU A 289 3.62 -28.26 -14.44
CA GLU A 289 4.83 -28.87 -13.90
C GLU A 289 4.59 -29.44 -12.50
N PHE A 290 3.92 -28.69 -11.65
CA PHE A 290 3.65 -29.13 -10.26
C PHE A 290 2.60 -30.24 -10.19
N ILE A 291 1.60 -30.16 -11.07
CA ILE A 291 0.58 -31.20 -11.15
C ILE A 291 1.28 -32.53 -11.51
N GLU A 292 2.13 -32.49 -12.54
CA GLU A 292 2.86 -33.66 -12.97
C GLU A 292 3.79 -34.17 -11.90
N ASN A 293 4.49 -33.28 -11.21
CA ASN A 293 5.44 -33.70 -10.17
C ASN A 293 4.76 -34.41 -9.01
N GLY A 294 3.64 -33.85 -8.57
CA GLY A 294 2.90 -34.49 -7.49
C GLY A 294 2.35 -35.87 -7.85
N ARG A 295 1.84 -36.00 -9.07
CA ARG A 295 1.31 -37.27 -9.54
C ARG A 295 2.42 -38.30 -9.68
N LYS A 296 3.56 -37.90 -10.19
CA LYS A 296 4.69 -38.79 -10.28
C LYS A 296 5.14 -39.27 -8.88
N GLU A 297 5.12 -38.35 -7.93
CA GLU A 297 5.53 -38.68 -6.57
C GLU A 297 4.55 -39.70 -5.91
N ILE A 298 3.27 -39.63 -6.26
CA ILE A 298 2.34 -40.66 -5.82
C ILE A 298 2.79 -42.07 -6.29
N TYR A 299 3.17 -42.21 -7.57
CA TYR A 299 3.69 -43.48 -8.08
C TYR A 299 4.97 -43.91 -7.38
N LYS A 300 5.87 -42.96 -7.18
CA LYS A 300 7.10 -43.31 -6.44
C LYS A 300 6.81 -43.85 -5.05
N ARG A 301 5.93 -43.17 -4.34
CA ARG A 301 5.54 -43.64 -3.00
C ARG A 301 4.78 -44.97 -3.03
N THR A 302 3.95 -45.19 -4.03
CA THR A 302 3.19 -46.46 -4.12
C THR A 302 4.11 -47.67 -4.35
N TYR A 303 5.17 -47.50 -5.12
CA TYR A 303 6.07 -48.61 -5.53
C TYR A 303 7.33 -48.79 -4.69
N ALA B 9 11.38 -16.54 -15.29
CA ALA B 9 10.50 -15.41 -15.56
C ALA B 9 10.42 -14.39 -14.42
N THR B 10 11.45 -14.19 -13.60
CA THR B 10 11.40 -13.07 -12.60
C THR B 10 11.51 -11.66 -13.23
N ASN B 11 12.33 -11.57 -14.28
CA ASN B 11 12.56 -10.27 -14.99
C ASN B 11 11.31 -9.77 -15.62
N VAL B 12 10.68 -10.73 -16.28
CA VAL B 12 9.45 -10.54 -16.97
C VAL B 12 8.39 -10.02 -16.00
N LYS B 13 8.35 -10.58 -14.79
CA LYS B 13 7.33 -10.17 -13.81
C LYS B 13 7.47 -8.73 -13.34
N ALA B 14 8.71 -8.35 -13.02
CA ALA B 14 8.97 -6.98 -12.62
C ALA B 14 8.59 -6.02 -13.74
N MET B 15 8.93 -6.38 -14.99
CA MET B 15 8.70 -5.48 -16.09
C MET B 15 7.21 -5.40 -16.41
N LYS B 16 6.51 -6.52 -16.27
CA LYS B 16 5.05 -6.56 -16.42
C LYS B 16 4.42 -5.64 -15.43
N TYR B 17 4.89 -5.68 -14.18
CA TYR B 17 4.40 -4.76 -13.17
C TYR B 17 4.62 -3.30 -13.55
N LEU B 18 5.82 -2.97 -14.03
CA LEU B 18 6.17 -1.56 -14.33
C LEU B 18 5.33 -1.03 -15.49
N ILE B 19 5.14 -1.86 -16.51
CA ILE B 19 4.37 -1.47 -17.67
C ILE B 19 2.93 -1.15 -17.28
N GLU B 20 2.32 -2.06 -16.55
CA GLU B 20 0.95 -1.88 -16.10
C GLU B 20 0.82 -0.75 -15.11
N HIS B 21 1.89 -0.50 -14.37
CA HIS B 21 1.88 0.57 -13.37
C HIS B 21 1.97 1.94 -14.04
N TYR B 22 2.85 2.09 -15.02
CA TYR B 22 3.07 3.42 -15.63
C TYR B 22 2.14 3.73 -16.81
N PHE B 23 1.59 2.70 -17.50
CA PHE B 23 0.66 2.90 -18.59
C PHE B 23 -0.70 2.34 -18.17
N ASP B 24 -1.54 3.22 -17.60
CA ASP B 24 -2.60 2.70 -16.69
C ASP B 24 -3.66 1.82 -17.34
N ASN B 25 -3.99 2.00 -18.62
CA ASN B 25 -4.97 1.15 -19.26
C ASN B 25 -4.37 -0.10 -19.93
N PHE B 26 -3.07 -0.32 -19.80
CA PHE B 26 -2.44 -1.33 -20.63
C PHE B 26 -2.41 -2.65 -19.90
N LYS B 27 -2.94 -3.69 -20.53
CA LYS B 27 -2.95 -5.04 -19.94
C LYS B 27 -1.97 -5.98 -20.63
N VAL B 28 -1.05 -6.53 -19.86
CA VAL B 28 -0.08 -7.48 -20.36
C VAL B 28 -0.64 -8.88 -20.30
N ASP B 29 -0.95 -9.46 -21.45
CA ASP B 29 -1.36 -10.86 -21.55
C ASP B 29 -0.17 -11.78 -21.69
N SER B 30 0.85 -11.34 -22.40
CA SER B 30 2.07 -12.12 -22.54
C SER B 30 3.26 -11.20 -22.66
N ILE B 31 4.42 -11.71 -22.28
CA ILE B 31 5.64 -10.91 -22.28
C ILE B 31 6.86 -11.79 -22.25
N GLU B 32 7.78 -11.60 -23.19
CA GLU B 32 9.02 -12.33 -23.21
C GLU B 32 10.20 -11.45 -23.62
N ILE B 33 11.38 -11.82 -23.16
CA ILE B 33 12.59 -11.10 -23.47
C ILE B 33 12.96 -11.39 -24.92
N ILE B 34 13.11 -10.35 -25.72
CA ILE B 34 13.39 -10.46 -27.14
C ILE B 34 14.80 -10.01 -27.45
N GLY B 35 15.39 -9.21 -26.58
CA GLY B 35 16.79 -8.84 -26.71
C GLY B 35 17.36 -8.18 -25.46
N SER B 36 18.68 -8.26 -25.33
CA SER B 36 19.34 -7.57 -24.25
C SER B 36 20.77 -7.18 -24.59
N GLY B 37 21.04 -5.96 -24.11
CA GLY B 37 22.40 -5.44 -24.08
C GLY B 37 22.86 -5.62 -22.64
N TYR B 38 23.91 -4.90 -22.30
CA TYR B 38 24.42 -5.12 -20.97
C TYR B 38 23.73 -4.17 -19.98
N ASP B 39 23.06 -3.10 -20.45
CA ASP B 39 22.34 -2.24 -19.53
C ASP B 39 20.93 -1.89 -20.03
N SER B 40 20.42 -2.71 -20.93
CA SER B 40 19.03 -2.51 -21.40
C SER B 40 18.42 -3.88 -21.70
N VAL B 41 17.09 -3.95 -21.57
CA VAL B 41 16.35 -5.14 -21.96
C VAL B 41 15.17 -4.75 -22.79
N ALA B 42 14.98 -5.50 -23.84
CA ALA B 42 13.82 -5.32 -24.73
C ALA B 42 12.86 -6.51 -24.61
N TYR B 43 11.58 -6.21 -24.56
CA TYR B 43 10.53 -7.19 -24.32
C TYR B 43 9.53 -7.19 -25.46
N LEU B 44 9.07 -8.38 -25.89
CA LEU B 44 7.93 -8.51 -26.80
C LEU B 44 6.70 -8.77 -25.97
N VAL B 45 5.70 -7.89 -26.08
CA VAL B 45 4.52 -7.88 -25.21
C VAL B 45 3.25 -8.08 -26.04
N ASN B 46 2.40 -9.01 -25.62
CA ASN B 46 1.16 -9.36 -26.33
C ASN B 46 1.40 -9.74 -27.79
N ASN B 47 2.60 -10.25 -28.06
CA ASN B 47 3.04 -10.61 -29.38
C ASN B 47 2.88 -9.51 -30.43
N GLU B 48 2.99 -8.26 -29.99
CA GLU B 48 2.60 -7.12 -30.80
C GLU B 48 3.41 -5.86 -30.53
N TYR B 49 3.75 -5.62 -29.27
CA TYR B 49 4.49 -4.44 -28.87
C TYR B 49 5.91 -4.75 -28.43
N ILE B 50 6.83 -3.87 -28.80
CA ILE B 50 8.19 -3.93 -28.29
C ILE B 50 8.24 -2.90 -27.20
N PHE B 51 8.73 -3.30 -26.02
CA PHE B 51 9.06 -2.36 -24.97
C PHE B 51 10.56 -2.42 -24.69
N LYS B 52 11.27 -1.32 -24.97
CA LYS B 52 12.68 -1.15 -24.64
C LYS B 52 12.76 -0.48 -23.29
N THR B 53 13.63 -0.97 -22.45
CA THR B 53 13.74 -0.43 -21.09
C THR B 53 15.14 -0.36 -20.61
N LYS B 54 15.36 0.59 -19.69
CA LYS B 54 16.69 0.92 -19.24
C LYS B 54 16.58 1.55 -17.87
N PHE B 55 17.58 1.33 -17.04
CA PHE B 55 17.65 2.02 -15.75
C PHE B 55 18.64 3.15 -15.85
N LYS B 59 20.86 10.08 -15.64
CA LYS B 59 19.68 10.90 -15.84
C LYS B 59 19.13 10.86 -17.34
N LYS B 60 19.61 11.76 -18.22
CA LYS B 60 19.46 11.51 -19.64
C LYS B 60 20.80 10.86 -20.04
N LYS B 61 21.27 9.85 -19.28
CA LYS B 61 21.83 8.65 -19.85
C LYS B 61 20.63 7.68 -20.14
N GLY B 62 19.40 8.22 -20.32
CA GLY B 62 18.15 7.53 -20.58
C GLY B 62 17.66 7.55 -22.06
N TYR B 63 16.33 7.46 -22.26
CA TYR B 63 15.76 7.33 -23.61
C TYR B 63 15.06 8.60 -24.17
N ALA B 64 15.32 9.72 -23.52
CA ALA B 64 14.75 10.97 -23.98
C ALA B 64 15.14 11.37 -25.43
N LYS B 65 16.43 11.28 -25.77
CA LYS B 65 16.91 11.59 -27.10
C LYS B 65 16.34 10.64 -28.13
N GLU B 66 16.34 9.36 -27.81
CA GLU B 66 15.85 8.38 -28.74
C GLU B 66 14.37 8.67 -29.06
N LYS B 67 13.58 8.99 -28.05
CA LYS B 67 12.19 9.35 -28.24
C LYS B 67 12.04 10.60 -29.11
N ALA B 68 12.83 11.64 -28.81
CA ALA B 68 12.82 12.85 -29.62
C ALA B 68 13.17 12.55 -31.08
N ILE B 69 14.06 11.58 -31.30
CA ILE B 69 14.43 11.27 -32.67
C ILE B 69 13.32 10.53 -33.42
N TYR B 70 12.69 9.54 -32.78
CA TYR B 70 11.59 8.85 -33.47
C TYR B 70 10.47 9.84 -33.76
N ASN B 71 10.17 10.73 -32.83
CA ASN B 71 9.13 11.68 -33.07
C ASN B 71 9.49 12.58 -34.26
N PHE B 72 10.72 13.10 -34.27
CA PHE B 72 11.18 13.93 -35.40
C PHE B 72 11.12 13.18 -36.72
N LEU B 73 11.57 11.92 -36.71
CA LEU B 73 11.64 11.18 -37.97
C LEU B 73 10.28 10.78 -38.47
N ASN B 74 9.36 10.45 -37.57
CA ASN B 74 8.02 10.01 -37.99
C ASN B 74 7.22 11.16 -38.57
N THR B 75 7.53 12.38 -38.13
CA THR B 75 6.99 13.59 -38.74
C THR B 75 7.64 13.90 -40.13
N ASN B 76 8.95 13.75 -40.23
CA ASN B 76 9.67 14.35 -41.36
C ASN B 76 10.15 13.43 -42.45
N LEU B 77 10.34 12.15 -42.17
CA LEU B 77 10.77 11.21 -43.22
C LEU B 77 9.61 10.82 -44.09
N GLU B 78 9.80 10.79 -45.40
CA GLU B 78 8.82 10.20 -46.33
C GLU B 78 9.46 8.97 -46.96
N THR B 79 9.01 7.81 -46.53
CA THR B 79 9.67 6.58 -46.87
C THR B 79 8.71 5.46 -46.62
N ASN B 80 8.87 4.35 -47.33
CA ASN B 80 8.08 3.17 -47.05
C ASN B 80 8.78 2.22 -46.07
N VAL B 81 10.02 2.57 -45.69
CA VAL B 81 10.71 1.82 -44.66
C VAL B 81 10.12 2.14 -43.31
N LYS B 82 9.76 1.12 -42.53
CA LYS B 82 9.18 1.35 -41.21
C LYS B 82 10.24 1.59 -40.14
N ILE B 83 9.92 2.46 -39.19
CA ILE B 83 10.74 2.68 -38.01
C ILE B 83 9.86 2.68 -36.77
N PRO B 84 10.45 2.59 -35.56
CA PRO B 84 9.59 2.67 -34.39
C PRO B 84 8.71 3.89 -34.35
N ASN B 85 7.47 3.72 -33.96
CA ASN B 85 6.56 4.82 -33.73
C ASN B 85 6.10 4.76 -32.27
N ILE B 86 6.61 5.66 -31.44
CA ILE B 86 6.42 5.54 -30.02
C ILE B 86 4.97 5.81 -29.58
N GLU B 87 4.32 4.82 -29.00
CA GLU B 87 3.01 4.99 -28.42
C GLU B 87 3.02 5.10 -26.93
N TYR B 88 4.01 4.51 -26.29
CA TYR B 88 4.12 4.53 -24.82
C TYR B 88 5.47 4.99 -24.41
N SER B 89 5.54 5.98 -23.53
CA SER B 89 6.83 6.39 -23.03
C SER B 89 6.70 6.77 -21.57
N TYR B 90 7.70 6.32 -20.79
CA TYR B 90 7.93 6.84 -19.45
C TYR B 90 9.40 7.11 -19.31
N ILE B 91 9.73 8.35 -19.00
CA ILE B 91 11.11 8.78 -18.92
C ILE B 91 11.35 9.52 -17.62
N SER B 92 12.26 8.98 -16.84
CA SER B 92 12.73 9.53 -15.59
C SER B 92 14.24 9.31 -15.50
N ASP B 93 14.84 9.94 -14.49
CA ASP B 93 16.27 9.81 -14.22
C ASP B 93 16.69 8.35 -14.06
N GLU B 94 15.84 7.60 -13.36
CA GLU B 94 16.15 6.26 -12.90
C GLU B 94 15.65 5.16 -13.84
N LEU B 95 14.69 5.48 -14.69
CA LEU B 95 14.03 4.47 -15.49
C LEU B 95 13.46 5.06 -16.74
N SER B 96 13.70 4.39 -17.86
CA SER B 96 13.08 4.76 -19.14
C SER B 96 12.50 3.57 -19.82
N ILE B 97 11.27 3.75 -20.32
CA ILE B 97 10.58 2.76 -21.10
C ILE B 97 10.03 3.38 -22.39
N LEU B 98 10.24 2.73 -23.51
CA LEU B 98 9.62 3.08 -24.78
C LEU B 98 8.89 1.88 -25.32
N GLY B 99 7.63 2.08 -25.72
CA GLY B 99 6.82 1.04 -26.34
C GLY B 99 6.30 1.45 -27.71
N TYR B 100 6.40 0.52 -28.65
CA TYR B 100 5.96 0.74 -30.01
C TYR B 100 5.55 -0.58 -30.62
N LYS B 101 4.77 -0.55 -31.69
CA LYS B 101 4.35 -1.78 -32.34
C LYS B 101 5.55 -2.42 -33.03
N GLU B 102 5.71 -3.71 -32.80
CA GLU B 102 6.76 -4.50 -33.38
C GLU B 102 6.76 -4.39 -34.87
N ILE B 103 7.91 -4.06 -35.45
CA ILE B 103 8.06 -4.12 -36.89
C ILE B 103 8.33 -5.54 -37.28
N LYS B 104 7.50 -6.06 -38.18
CA LYS B 104 7.56 -7.49 -38.56
C LYS B 104 8.56 -7.70 -39.69
N GLY B 105 9.35 -8.76 -39.60
CA GLY B 105 10.40 -8.97 -40.55
C GLY B 105 11.45 -9.91 -40.03
N THR B 106 12.46 -10.20 -40.86
CA THR B 106 13.60 -11.03 -40.52
C THR B 106 14.86 -10.17 -40.60
N PHE B 107 15.74 -10.35 -39.61
CA PHE B 107 16.94 -9.50 -39.57
C PHE B 107 17.95 -9.94 -40.60
N LEU B 108 18.53 -8.99 -41.30
CA LEU B 108 19.59 -9.28 -42.24
C LEU B 108 20.80 -9.87 -41.52
N THR B 109 21.39 -10.88 -42.10
CA THR B 109 22.68 -11.46 -41.67
C THR B 109 23.52 -11.78 -42.90
N PRO B 110 24.82 -11.99 -42.72
CA PRO B 110 25.68 -12.48 -43.80
C PRO B 110 25.16 -13.73 -44.55
N GLU B 111 24.65 -14.69 -43.75
CA GLU B 111 24.16 -15.92 -44.28
C GLU B 111 22.94 -15.71 -45.18
N ILE B 112 22.01 -14.86 -44.72
CA ILE B 112 20.83 -14.53 -45.50
C ILE B 112 21.22 -13.80 -46.77
N TYR B 113 22.18 -12.88 -46.68
CA TYR B 113 22.58 -12.11 -47.83
C TYR B 113 23.16 -13.01 -48.95
N SER B 114 23.92 -14.03 -48.55
CA SER B 114 24.56 -14.89 -49.47
C SER B 114 23.60 -15.79 -50.24
N THR B 115 22.42 -16.04 -49.68
CA THR B 115 21.40 -16.81 -50.37
C THR B 115 20.54 -15.95 -51.30
N MET B 116 20.65 -14.63 -51.19
CA MET B 116 19.78 -13.77 -51.99
C MET B 116 20.27 -13.78 -53.43
N SER B 117 19.34 -13.69 -54.35
CA SER B 117 19.66 -13.51 -55.76
C SER B 117 20.43 -12.22 -56.00
N GLU B 118 21.17 -12.15 -57.11
CA GLU B 118 21.91 -10.93 -57.42
C GLU B 118 20.97 -9.70 -57.49
N GLU B 119 19.79 -9.89 -58.07
CA GLU B 119 18.79 -8.82 -58.19
C GLU B 119 18.26 -8.39 -56.81
N GLU B 120 18.02 -9.34 -55.92
CA GLU B 120 17.60 -9.06 -54.57
C GLU B 120 18.68 -8.27 -53.82
N GLN B 121 19.94 -8.68 -53.99
CA GLN B 121 21.03 -7.97 -53.36
C GLN B 121 21.09 -6.55 -53.85
N ASN B 122 20.96 -6.36 -55.15
CA ASN B 122 21.03 -5.06 -55.73
C ASN B 122 19.93 -4.16 -55.20
N LEU B 123 18.72 -4.67 -55.08
CA LEU B 123 17.60 -3.87 -54.58
C LEU B 123 17.83 -3.47 -53.11
N LEU B 124 18.36 -4.39 -52.32
CA LEU B 124 18.62 -4.09 -50.93
C LEU B 124 19.64 -2.96 -50.81
N LYS B 125 20.74 -3.04 -51.53
CA LYS B 125 21.72 -2.00 -51.56
C LYS B 125 21.13 -0.66 -51.95
N ARG B 126 20.27 -0.69 -52.96
CA ARG B 126 19.65 0.54 -53.43
C ARG B 126 18.69 1.12 -52.37
N ASP B 127 17.96 0.23 -51.72
CA ASP B 127 17.03 0.65 -50.67
C ASP B 127 17.80 1.32 -49.52
N ILE B 128 18.92 0.71 -49.17
CA ILE B 128 19.73 1.27 -48.08
C ILE B 128 20.26 2.64 -48.47
N ALA B 129 20.85 2.73 -49.63
CA ALA B 129 21.37 4.01 -50.12
C ALA B 129 20.29 5.07 -50.13
N SER B 130 19.11 4.70 -50.57
CA SER B 130 18.03 5.64 -50.74
C SER B 130 17.55 6.17 -49.36
N PHE B 131 17.45 5.23 -48.40
CA PHE B 131 17.01 5.59 -47.05
C PHE B 131 18.03 6.53 -46.40
N LEU B 132 19.31 6.20 -46.50
CA LEU B 132 20.35 7.01 -45.95
C LEU B 132 20.36 8.40 -46.57
N ARG B 133 20.18 8.46 -47.89
CA ARG B 133 20.19 9.73 -48.55
C ARG B 133 19.04 10.62 -48.07
N GLN B 134 17.88 10.02 -47.91
CA GLN B 134 16.75 10.80 -47.41
C GLN B 134 16.98 11.27 -45.96
N MET B 135 17.49 10.37 -45.11
CA MET B 135 17.67 10.77 -43.69
C MET B 135 18.74 11.84 -43.58
N HIS B 136 19.85 11.64 -44.24
CA HIS B 136 20.98 12.58 -44.17
C HIS B 136 20.65 13.92 -44.80
N GLY B 137 19.63 13.99 -45.64
CA GLY B 137 19.19 15.23 -46.24
C GLY B 137 18.21 16.04 -45.38
N LEU B 138 17.71 15.49 -44.28
CA LEU B 138 16.74 16.20 -43.49
C LEU B 138 17.26 17.46 -42.83
N ASP B 139 16.44 18.51 -42.87
CA ASP B 139 16.71 19.73 -42.11
C ASP B 139 16.58 19.32 -40.64
N TYR B 140 17.65 19.50 -39.89
CA TYR B 140 17.69 19.02 -38.49
C TYR B 140 17.53 20.11 -37.44
N THR B 141 17.04 21.26 -37.88
CA THR B 141 16.82 22.40 -36.99
C THR B 141 16.04 22.06 -35.73
N ASP B 142 14.94 21.30 -35.91
CA ASP B 142 14.07 20.94 -34.80
C ASP B 142 14.66 19.95 -33.79
N ILE B 143 15.77 19.31 -34.12
CA ILE B 143 16.46 18.44 -33.15
C ILE B 143 17.91 18.86 -32.99
N SER B 144 18.16 20.17 -33.07
CA SER B 144 19.56 20.65 -33.19
C SER B 144 20.39 20.48 -31.91
N GLU B 145 19.70 20.24 -30.79
CA GLU B 145 20.34 19.83 -29.53
C GLU B 145 21.03 18.47 -29.58
N CYS B 146 20.63 17.62 -30.53
CA CYS B 146 21.08 16.21 -30.60
C CYS B 146 22.43 16.03 -31.34
N THR B 147 23.39 16.91 -31.08
CA THR B 147 24.68 16.81 -31.73
C THR B 147 25.57 15.87 -30.96
N ILE B 148 26.45 15.20 -31.69
CA ILE B 148 27.40 14.31 -31.11
C ILE B 148 28.75 14.60 -31.73
N ASP B 149 29.73 14.84 -30.88
CA ASP B 149 31.10 15.03 -31.28
C ASP B 149 31.92 13.81 -30.82
N ASN B 150 32.20 12.94 -31.76
CA ASN B 150 32.99 11.73 -31.52
C ASN B 150 34.38 11.99 -30.96
N LYS B 151 35.07 12.94 -31.51
CA LYS B 151 36.45 13.22 -31.09
C LYS B 151 36.48 13.68 -29.66
N GLN B 152 35.60 14.61 -29.33
CA GLN B 152 35.47 15.07 -27.96
C GLN B 152 35.08 13.96 -27.00
N ASN B 153 34.16 13.10 -27.40
CA ASN B 153 33.73 11.97 -26.56
C ASN B 153 34.93 11.08 -26.27
N VAL B 154 35.75 10.80 -27.29
CA VAL B 154 36.92 9.98 -27.11
C VAL B 154 37.91 10.63 -26.16
N LEU B 155 38.13 11.92 -26.32
CA LEU B 155 39.04 12.59 -25.41
C LEU B 155 38.56 12.51 -23.99
N GLU B 156 37.27 12.62 -23.76
CA GLU B 156 36.75 12.49 -22.42
C GLU B 156 36.88 11.08 -21.85
N GLU B 157 36.70 10.09 -22.71
CA GLU B 157 36.93 8.73 -22.28
C GLU B 157 38.42 8.48 -21.97
N TYR B 158 39.31 9.09 -22.73
CA TYR B 158 40.73 8.99 -22.48
C TYR B 158 41.10 9.62 -21.12
N ILE B 159 40.51 10.74 -20.80
CA ILE B 159 40.76 11.37 -19.52
C ILE B 159 40.31 10.49 -18.39
N LEU B 160 39.16 9.84 -18.56
CA LEU B 160 38.69 8.87 -17.60
C LEU B 160 39.67 7.73 -17.41
N LEU B 161 40.28 7.24 -18.48
CA LEU B 161 41.32 6.22 -18.36
C LEU B 161 42.48 6.73 -17.51
N ARG B 162 42.92 7.95 -17.79
CA ARG B 162 44.02 8.52 -17.10
C ARG B 162 43.74 8.72 -15.63
N GLU B 163 42.48 8.95 -15.29
CA GLU B 163 42.04 9.16 -13.90
C GLU B 163 41.87 7.85 -13.17
N THR B 164 41.82 6.72 -13.88
CA THR B 164 41.48 5.44 -13.24
C THR B 164 42.62 4.46 -13.39
N ILE B 165 42.59 3.65 -14.43
CA ILE B 165 43.48 2.50 -14.56
C ILE B 165 44.71 2.65 -15.45
N TYR B 166 44.86 3.78 -16.11
CA TYR B 166 45.96 3.90 -17.09
C TYR B 166 47.33 3.59 -16.52
N ASN B 167 47.63 4.01 -15.31
CA ASN B 167 48.96 3.78 -14.74
C ASN B 167 49.28 2.30 -14.49
N ASP B 168 48.23 1.51 -14.29
CA ASP B 168 48.40 0.07 -14.11
C ASP B 168 48.41 -0.75 -15.40
N LEU B 169 48.25 -0.14 -16.55
CA LEU B 169 48.26 -0.88 -17.80
C LEU B 169 49.67 -1.26 -18.17
N THR B 170 49.83 -2.28 -19.00
CA THR B 170 51.15 -2.66 -19.50
C THR B 170 51.68 -1.70 -20.55
N ASP B 171 52.99 -1.76 -20.83
CA ASP B 171 53.56 -0.92 -21.87
C ASP B 171 52.91 -1.19 -23.23
N ILE B 172 52.63 -2.46 -23.55
CA ILE B 172 51.96 -2.81 -24.78
C ILE B 172 50.58 -2.14 -24.88
N GLU B 173 49.85 -2.16 -23.78
CA GLU B 173 48.49 -1.60 -23.74
C GLU B 173 48.57 -0.10 -23.87
N LYS B 174 49.47 0.50 -23.13
CA LYS B 174 49.69 1.95 -23.23
C LYS B 174 50.07 2.37 -24.63
N ASP B 175 50.96 1.64 -25.29
CA ASP B 175 51.34 1.99 -26.66
C ASP B 175 50.16 1.89 -27.63
N TYR B 176 49.30 0.90 -27.47
CA TYR B 176 48.13 0.77 -28.31
C TYR B 176 47.24 2.01 -28.16
N ILE B 177 47.04 2.42 -26.92
CA ILE B 177 46.20 3.57 -26.65
C ILE B 177 46.84 4.88 -27.17
N GLU B 178 48.11 5.06 -26.90
CA GLU B 178 48.80 6.31 -27.33
C GLU B 178 48.89 6.42 -28.81
N SER B 179 49.06 5.28 -29.43
CA SER B 179 49.15 5.22 -30.89
C SER B 179 47.81 5.58 -31.51
N PHE B 180 46.73 5.13 -30.88
CA PHE B 180 45.40 5.53 -31.32
C PHE B 180 45.17 7.00 -31.16
N MET B 181 45.57 7.55 -30.00
CA MET B 181 45.34 8.99 -29.75
C MET B 181 46.13 9.86 -30.75
N GLU B 182 47.29 9.41 -31.13
CA GLU B 182 48.10 10.11 -32.12
C GLU B 182 47.38 10.14 -33.48
N ARG B 183 46.83 8.99 -33.87
CA ARG B 183 46.07 8.92 -35.07
C ARG B 183 44.83 9.80 -35.02
N LEU B 184 44.14 9.73 -33.90
CA LEU B 184 42.92 10.54 -33.71
C LEU B 184 43.19 12.03 -33.84
N ASN B 185 44.36 12.45 -33.36
CA ASN B 185 44.72 13.84 -33.38
C ASN B 185 45.10 14.34 -34.77
N ALA B 186 45.68 13.46 -35.57
CA ALA B 186 46.11 13.80 -36.92
C ALA B 186 45.07 13.66 -38.00
N THR B 187 44.03 12.86 -37.77
CA THR B 187 43.07 12.57 -38.85
C THR B 187 42.24 13.80 -39.23
N THR B 188 41.74 13.83 -40.44
CA THR B 188 40.87 14.90 -40.93
C THR B 188 39.45 14.41 -41.17
N VAL B 189 39.15 13.16 -40.81
CA VAL B 189 37.83 12.61 -41.10
C VAL B 189 36.65 13.23 -40.34
N PHE B 190 36.91 14.10 -39.37
CA PHE B 190 35.85 14.78 -38.65
C PHE B 190 35.52 16.15 -39.27
N GLU B 191 36.09 16.46 -40.41
CA GLU B 191 35.94 17.78 -40.96
C GLU B 191 34.98 17.83 -42.15
N GLY B 192 34.25 16.76 -42.40
CA GLY B 192 33.25 16.74 -43.43
C GLY B 192 31.85 17.12 -42.98
N LYS B 193 30.89 16.84 -43.85
CA LYS B 193 29.50 17.14 -43.61
C LYS B 193 28.97 16.45 -42.37
N LYS B 194 28.19 17.22 -41.62
CA LYS B 194 27.43 16.74 -40.49
C LYS B 194 25.98 16.61 -40.90
N CYS B 195 25.34 15.55 -40.44
CA CYS B 195 23.91 15.40 -40.66
C CYS B 195 23.34 14.45 -39.66
N LEU B 196 22.04 14.28 -39.71
CA LEU B 196 21.39 13.31 -38.85
C LEU B 196 21.70 11.89 -39.33
N CYS B 197 22.31 11.10 -38.47
CA CYS B 197 22.65 9.70 -38.75
C CYS B 197 22.02 8.76 -37.74
N HIS B 198 21.68 7.58 -38.22
CA HIS B 198 21.27 6.48 -37.37
C HIS B 198 22.36 6.19 -36.34
N ASN B 199 23.59 6.13 -36.84
CA ASN B 199 24.81 6.01 -36.05
C ASN B 199 24.98 4.64 -35.37
N ASP B 200 24.24 3.63 -35.77
CA ASP B 200 24.52 2.26 -35.36
C ASP B 200 23.93 1.32 -36.39
N PHE B 201 24.31 1.62 -37.63
CA PHE B 201 23.62 1.08 -38.81
C PHE B 201 24.26 -0.21 -39.23
N SER B 202 23.97 -1.26 -38.47
CA SER B 202 24.52 -2.58 -38.67
C SER B 202 23.43 -3.49 -39.08
N CYS B 203 23.76 -4.68 -39.62
CA CYS B 203 22.66 -5.49 -40.16
C CYS B 203 21.75 -6.11 -39.15
N ASN B 204 22.16 -6.23 -37.89
CA ASN B 204 21.21 -6.65 -36.83
C ASN B 204 20.10 -5.58 -36.49
N HIS B 205 20.16 -4.42 -37.13
CA HIS B 205 19.10 -3.41 -37.01
C HIS B 205 18.26 -3.25 -38.27
N LEU B 206 18.49 -4.11 -39.27
CA LEU B 206 17.81 -4.02 -40.52
C LEU B 206 16.90 -5.21 -40.75
N LEU B 207 15.62 -4.89 -41.03
CA LEU B 207 14.60 -5.92 -41.20
C LEU B 207 14.25 -6.11 -42.66
N LEU B 208 14.20 -7.35 -43.11
CA LEU B 208 13.74 -7.69 -44.44
C LEU B 208 12.33 -8.29 -44.39
N ASP B 209 11.53 -8.03 -45.42
CA ASP B 209 10.24 -8.71 -45.58
C ASP B 209 10.40 -10.06 -46.27
N GLY B 210 9.29 -10.73 -46.59
CA GLY B 210 9.30 -12.04 -47.25
C GLY B 210 9.98 -12.11 -48.62
N ASN B 211 10.07 -10.97 -49.30
CA ASN B 211 10.79 -10.85 -50.57
C ASN B 211 12.25 -10.36 -50.44
N ASN B 212 12.79 -10.35 -49.22
CA ASN B 212 14.16 -9.84 -48.93
C ASN B 212 14.36 -8.40 -49.32
N ARG B 213 13.29 -7.63 -49.25
CA ARG B 213 13.35 -6.18 -49.47
C ARG B 213 13.46 -5.55 -48.04
N LEU B 214 14.19 -4.45 -47.94
CA LEU B 214 14.31 -3.72 -46.72
C LEU B 214 12.94 -3.21 -46.34
N THR B 215 12.47 -3.62 -45.17
CA THR B 215 11.11 -3.28 -44.71
C THR B 215 11.11 -2.43 -43.45
N GLY B 216 12.14 -2.55 -42.62
CA GLY B 216 12.25 -1.71 -41.47
C GLY B 216 13.64 -1.58 -40.89
N ILE B 217 13.79 -0.51 -40.09
CA ILE B 217 15.03 -0.18 -39.40
C ILE B 217 14.70 0.18 -37.95
N ILE B 218 15.51 -0.36 -37.03
CA ILE B 218 15.29 -0.15 -35.60
C ILE B 218 16.52 0.44 -34.94
N ASP B 219 16.37 0.75 -33.65
CA ASP B 219 17.47 1.16 -32.76
C ASP B 219 18.14 2.44 -33.25
N PHE B 220 17.38 3.54 -33.15
CA PHE B 220 17.93 4.87 -33.41
C PHE B 220 18.44 5.46 -32.09
N GLY B 221 18.82 4.59 -31.17
CA GLY B 221 19.28 4.97 -29.86
C GLY B 221 20.60 5.69 -29.82
N ASP B 222 21.47 5.56 -30.82
CA ASP B 222 22.69 6.31 -30.85
C ASP B 222 22.58 7.50 -31.81
N SER B 223 21.41 7.74 -32.37
CA SER B 223 21.28 8.68 -33.46
C SER B 223 21.48 10.11 -32.99
N GLY B 224 21.98 10.91 -33.93
CA GLY B 224 22.34 12.27 -33.64
C GLY B 224 22.91 12.93 -34.88
N ILE B 225 23.18 14.22 -34.72
CA ILE B 225 23.80 15.01 -35.73
C ILE B 225 25.29 14.80 -35.57
N ILE B 226 25.89 14.25 -36.62
CA ILE B 226 27.24 13.68 -36.53
C ILE B 226 27.81 13.56 -37.93
N ASP B 227 29.06 13.19 -38.07
CA ASP B 227 29.66 13.00 -39.41
C ASP B 227 28.85 12.03 -40.29
N GLU B 228 28.62 12.46 -41.52
CA GLU B 228 27.95 11.65 -42.56
C GLU B 228 28.59 10.29 -42.70
N TYR B 229 29.91 10.20 -42.52
CA TYR B 229 30.64 8.90 -42.64
C TYR B 229 30.16 7.84 -41.66
N CYS B 230 29.63 8.28 -40.54
CA CYS B 230 29.18 7.35 -39.47
C CYS B 230 28.21 6.29 -39.84
N ASP B 231 27.30 6.55 -40.77
CA ASP B 231 26.30 5.55 -41.16
C ASP B 231 26.85 4.51 -42.11
N PHE B 232 28.14 4.58 -42.42
CA PHE B 232 28.78 3.55 -43.27
C PHE B 232 29.77 2.67 -42.57
N ILE B 233 29.95 2.88 -41.29
CA ILE B 233 30.99 2.25 -40.49
C ILE B 233 30.74 0.76 -40.43
N TYR B 234 29.47 0.35 -40.31
CA TYR B 234 29.19 -1.09 -40.17
C TYR B 234 28.98 -1.74 -41.54
N LEU B 235 28.48 -0.98 -42.48
CA LEU B 235 28.35 -1.44 -43.85
C LEU B 235 29.74 -1.77 -44.45
N LEU B 236 30.75 -1.08 -43.99
CA LEU B 236 32.11 -1.28 -44.43
C LEU B 236 32.93 -2.26 -43.61
N GLU B 237 32.32 -2.80 -42.55
CA GLU B 237 33.06 -3.63 -41.60
C GLU B 237 33.29 -5.02 -42.12
N ASP B 238 34.52 -5.51 -41.92
CA ASP B 238 34.89 -6.87 -42.27
C ASP B 238 34.88 -7.72 -40.99
N SER B 239 33.82 -8.49 -40.78
CA SER B 239 33.69 -9.29 -39.54
C SER B 239 32.62 -10.33 -39.74
N GLU B 240 32.46 -11.19 -38.74
CA GLU B 240 31.45 -12.25 -38.76
C GLU B 240 30.01 -11.72 -38.72
N GLU B 241 29.84 -10.58 -38.11
CA GLU B 241 28.52 -10.03 -37.90
C GLU B 241 28.01 -9.25 -39.11
N GLU B 242 28.92 -8.74 -39.93
CA GLU B 242 28.53 -7.86 -41.03
C GLU B 242 28.82 -8.47 -42.37
N ILE B 243 28.25 -7.89 -43.41
CA ILE B 243 28.28 -8.49 -44.72
C ILE B 243 29.67 -8.49 -45.36
N GLY B 244 30.32 -7.36 -45.30
CA GLY B 244 31.68 -7.21 -45.81
C GLY B 244 31.85 -5.85 -46.52
N THR B 245 33.11 -5.51 -46.62
CA THR B 245 33.58 -4.25 -47.21
C THR B 245 32.99 -3.99 -48.62
N ASN B 246 32.85 -5.02 -49.47
CA ASN B 246 32.30 -4.78 -50.81
C ASN B 246 30.87 -4.30 -50.85
N PHE B 247 30.09 -4.76 -49.88
CA PHE B 247 28.70 -4.35 -49.64
C PHE B 247 28.65 -2.86 -49.38
N GLY B 248 29.47 -2.43 -48.43
CA GLY B 248 29.60 -1.01 -48.08
C GLY B 248 30.12 -0.12 -49.22
N GLU B 249 31.11 -0.62 -49.97
CA GLU B 249 31.64 0.13 -51.09
C GLU B 249 30.54 0.35 -52.14
N ASP B 250 29.81 -0.71 -52.46
CA ASP B 250 28.76 -0.58 -53.45
C ASP B 250 27.65 0.39 -53.03
N ILE B 251 27.30 0.32 -51.75
CA ILE B 251 26.29 1.21 -51.23
C ILE B 251 26.77 2.65 -51.27
N LEU B 252 28.05 2.84 -50.95
CA LEU B 252 28.65 4.17 -51.05
C LEU B 252 28.59 4.74 -52.47
N ARG B 253 28.84 3.89 -53.47
CA ARG B 253 28.79 4.34 -54.85
C ARG B 253 27.38 4.69 -55.26
N MET B 254 26.39 3.90 -54.81
CA MET B 254 24.99 4.22 -55.09
C MET B 254 24.54 5.48 -54.39
N TYR B 255 25.01 5.66 -53.17
CA TYR B 255 24.63 6.83 -52.39
C TYR B 255 25.18 8.09 -53.06
N GLY B 256 26.45 8.03 -53.47
CA GLY B 256 27.10 9.12 -54.21
C GLY B 256 27.50 10.36 -53.42
N ASN B 257 28.31 11.20 -54.01
CA ASN B 257 28.80 12.43 -53.40
C ASN B 257 29.38 12.22 -52.03
N ILE B 258 30.22 11.21 -51.93
CA ILE B 258 30.92 10.95 -50.68
C ILE B 258 32.25 10.32 -50.96
N ASP B 259 33.24 10.76 -50.19
CA ASP B 259 34.64 10.38 -50.33
C ASP B 259 34.80 9.01 -49.70
N ILE B 260 34.94 7.99 -50.54
CA ILE B 260 34.95 6.61 -50.09
C ILE B 260 36.22 6.30 -49.25
N GLU B 261 37.35 6.89 -49.60
CA GLU B 261 38.56 6.64 -48.84
C GLU B 261 38.44 7.18 -47.41
N LYS B 262 37.82 8.34 -47.25
CA LYS B 262 37.61 8.89 -45.93
C LYS B 262 36.61 8.13 -45.15
N ALA B 263 35.55 7.64 -45.79
CA ALA B 263 34.61 6.76 -45.12
C ALA B 263 35.32 5.52 -44.59
N LYS B 264 36.24 4.98 -45.38
CA LYS B 264 36.99 3.85 -44.91
C LYS B 264 37.97 4.17 -43.82
N GLU B 265 38.59 5.34 -43.89
CA GLU B 265 39.47 5.78 -42.81
C GLU B 265 38.68 5.92 -41.50
N TYR B 266 37.48 6.48 -41.60
CA TYR B 266 36.62 6.66 -40.43
C TYR B 266 36.30 5.32 -39.82
N GLN B 267 35.88 4.39 -40.65
CA GLN B 267 35.60 3.06 -40.14
C GLN B 267 36.84 2.40 -39.51
N ASP B 268 38.02 2.60 -40.10
CA ASP B 268 39.23 1.97 -39.58
C ASP B 268 39.62 2.53 -38.22
N ILE B 269 39.45 3.83 -38.06
CA ILE B 269 39.70 4.47 -36.77
C ILE B 269 38.72 3.99 -35.70
N VAL B 270 37.44 3.88 -36.06
CA VAL B 270 36.45 3.37 -35.11
C VAL B 270 36.81 1.96 -34.71
N GLU B 271 37.26 1.16 -35.66
CA GLU B 271 37.61 -0.21 -35.40
C GLU B 271 38.83 -0.26 -34.47
N GLU B 272 39.80 0.62 -34.69
CA GLU B 272 40.97 0.68 -33.81
C GLU B 272 40.56 0.98 -32.37
N TYR B 273 39.56 1.84 -32.24
CA TYR B 273 39.07 2.25 -30.93
C TYR B 273 38.33 1.16 -30.14
N TYR B 274 37.79 0.20 -30.83
CA TYR B 274 36.91 -0.80 -30.19
C TYR B 274 37.37 -1.42 -28.84
N PRO B 275 38.59 -1.91 -28.78
CA PRO B 275 39.09 -2.44 -27.51
C PRO B 275 39.10 -1.42 -26.36
N ILE B 276 39.42 -0.17 -26.71
CA ILE B 276 39.52 0.88 -25.73
C ILE B 276 38.10 1.23 -25.27
N GLU B 277 37.17 1.29 -26.24
CA GLU B 277 35.78 1.53 -25.92
C GLU B 277 35.26 0.48 -24.95
N THR B 278 35.70 -0.76 -25.14
CA THR B 278 35.27 -1.87 -24.32
C THR B 278 35.81 -1.69 -22.91
N ILE B 279 37.08 -1.31 -22.80
CA ILE B 279 37.69 -1.07 -21.49
C ILE B 279 36.93 0.02 -20.73
N VAL B 280 36.62 1.09 -21.44
CA VAL B 280 35.97 2.26 -20.88
C VAL B 280 34.57 1.92 -20.40
N TYR B 281 33.86 1.11 -21.17
CA TYR B 281 32.56 0.65 -20.74
C TYR B 281 32.69 -0.09 -19.41
N GLY B 282 33.72 -0.93 -19.30
CA GLY B 282 33.93 -1.69 -18.07
C GLY B 282 34.22 -0.81 -16.87
N ILE B 283 34.98 0.25 -17.09
CA ILE B 283 35.28 1.17 -16.02
C ILE B 283 34.02 1.92 -15.58
N LYS B 284 33.29 2.49 -16.54
CA LYS B 284 32.10 3.29 -16.26
C LYS B 284 31.02 2.50 -15.53
N ASN B 285 30.87 1.23 -15.89
CA ASN B 285 29.82 0.38 -15.35
C ASN B 285 30.31 -0.56 -14.25
N ILE B 286 31.56 -0.39 -13.84
CA ILE B 286 32.18 -1.27 -12.86
C ILE B 286 31.97 -2.74 -13.25
N LYS B 287 32.44 -3.09 -14.43
CA LYS B 287 32.31 -4.47 -14.97
C LYS B 287 33.68 -4.98 -15.40
N GLN B 288 34.40 -5.64 -14.49
CA GLN B 288 35.78 -6.03 -14.69
C GLN B 288 35.97 -6.87 -15.94
N GLU B 289 35.00 -7.73 -16.19
CA GLU B 289 34.94 -8.60 -17.36
C GLU B 289 35.24 -7.83 -18.65
N PHE B 290 34.66 -6.63 -18.80
CA PHE B 290 34.86 -5.84 -20.01
C PHE B 290 36.25 -5.20 -20.07
N ILE B 291 36.79 -4.83 -18.91
CA ILE B 291 38.14 -4.28 -18.84
C ILE B 291 39.12 -5.37 -19.30
N GLU B 292 38.95 -6.58 -18.77
CA GLU B 292 39.80 -7.70 -19.14
C GLU B 292 39.65 -8.06 -20.61
N ASN B 293 38.43 -8.06 -21.14
CA ASN B 293 38.21 -8.42 -22.55
C ASN B 293 38.87 -7.42 -23.49
N GLY B 294 38.74 -6.13 -23.20
CA GLY B 294 39.38 -5.15 -24.05
C GLY B 294 40.90 -5.23 -24.02
N ARG B 295 41.47 -5.46 -22.85
CA ARG B 295 42.93 -5.59 -22.70
C ARG B 295 43.44 -6.81 -23.44
N LYS B 296 42.70 -7.92 -23.33
CA LYS B 296 43.08 -9.12 -24.06
C LYS B 296 43.02 -8.89 -25.57
N GLU B 297 42.01 -8.15 -26.02
CA GLU B 297 41.86 -7.87 -27.45
C GLU B 297 43.05 -7.01 -27.97
N ILE B 298 43.56 -6.11 -27.14
CA ILE B 298 44.76 -5.39 -27.49
C ILE B 298 45.94 -6.35 -27.78
N TYR B 299 46.16 -7.33 -26.90
CA TYR B 299 47.19 -8.37 -27.13
C TYR B 299 46.95 -9.20 -28.36
N LYS B 300 45.70 -9.59 -28.60
CA LYS B 300 45.41 -10.30 -29.85
C LYS B 300 45.76 -9.48 -31.07
N ARG B 301 45.37 -8.22 -31.08
CA ARG B 301 45.70 -7.35 -32.21
C ARG B 301 47.20 -7.09 -32.34
N THR B 302 47.91 -7.01 -31.22
CA THR B 302 49.36 -6.76 -31.23
C THR B 302 50.15 -7.94 -31.82
N TYR B 303 49.71 -9.17 -31.55
CA TYR B 303 50.45 -10.38 -31.96
C TYR B 303 50.01 -11.05 -33.29
N VAL C 12 -17.44 7.75 10.40
CA VAL C 12 -18.19 6.72 9.69
C VAL C 12 -17.31 6.21 8.56
N LYS C 13 -16.67 7.10 7.83
CA LYS C 13 -15.90 6.68 6.64
C LYS C 13 -14.67 5.83 6.96
N ALA C 14 -13.94 6.25 7.97
CA ALA C 14 -12.78 5.48 8.42
C ALA C 14 -13.24 4.10 8.89
N MET C 15 -14.36 4.04 9.61
CA MET C 15 -14.79 2.79 10.20
C MET C 15 -15.35 1.87 9.10
N LYS C 16 -16.02 2.46 8.11
CA LYS C 16 -16.48 1.74 6.94
C LYS C 16 -15.28 1.09 6.23
N TYR C 17 -14.20 1.86 6.06
CA TYR C 17 -12.98 1.32 5.47
C TYR C 17 -12.43 0.14 6.30
N LEU C 18 -12.38 0.27 7.61
CA LEU C 18 -11.77 -0.76 8.46
C LEU C 18 -12.61 -2.05 8.43
N ILE C 19 -13.91 -1.92 8.44
CA ILE C 19 -14.80 -3.06 8.40
C ILE C 19 -14.62 -3.85 7.08
N GLU C 20 -14.64 -3.13 5.96
CA GLU C 20 -14.46 -3.74 4.69
C GLU C 20 -13.07 -4.28 4.48
N HIS C 21 -12.10 -3.69 5.16
CA HIS C 21 -10.71 -4.12 5.07
C HIS C 21 -10.50 -5.42 5.84
N TYR C 22 -11.03 -5.49 7.05
CA TYR C 22 -10.77 -6.67 7.91
C TYR C 22 -11.75 -7.84 7.70
N PHE C 23 -12.98 -7.56 7.23
CA PHE C 23 -13.96 -8.60 6.92
C PHE C 23 -14.21 -8.65 5.42
N ASP C 24 -13.44 -9.50 4.74
CA ASP C 24 -13.14 -9.30 3.29
C ASP C 24 -14.37 -9.22 2.37
N ASN C 25 -15.39 -10.05 2.61
CA ASN C 25 -16.55 -10.05 1.74
C ASN C 25 -17.67 -9.14 2.20
N PHE C 26 -17.43 -8.33 3.22
CA PHE C 26 -18.51 -7.56 3.79
C PHE C 26 -18.63 -6.22 3.11
N LYS C 27 -19.81 -5.90 2.60
CA LYS C 27 -20.07 -4.61 1.95
C LYS C 27 -20.95 -3.70 2.78
N VAL C 28 -20.45 -2.53 3.12
CA VAL C 28 -21.20 -1.54 3.86
C VAL C 28 -21.99 -0.67 2.94
N ASP C 29 -23.31 -0.82 2.93
CA ASP C 29 -24.21 0.00 2.16
C ASP C 29 -24.65 1.23 2.95
N SER C 30 -24.81 1.10 4.25
CA SER C 30 -25.11 2.25 5.09
C SER C 30 -24.46 2.08 6.44
N ILE C 31 -24.19 3.18 7.12
CA ILE C 31 -23.49 3.13 8.40
C ILE C 31 -23.74 4.39 9.19
N GLU C 32 -24.21 4.27 10.43
CA GLU C 32 -24.39 5.42 11.30
C GLU C 32 -24.00 5.09 12.73
N ILE C 33 -23.64 6.12 13.48
CA ILE C 33 -23.27 6.00 14.86
C ILE C 33 -24.54 5.78 15.66
N ILE C 34 -24.59 4.70 16.43
CA ILE C 34 -25.76 4.33 17.21
C ILE C 34 -25.50 4.50 18.70
N GLY C 35 -24.23 4.53 19.10
CA GLY C 35 -23.89 4.92 20.46
C GLY C 35 -22.42 5.08 20.70
N SER C 36 -22.10 5.67 21.86
CA SER C 36 -20.70 5.85 22.20
C SER C 36 -20.49 5.96 23.69
N GLY C 37 -19.37 5.38 24.08
CA GLY C 37 -18.81 5.55 25.41
C GLY C 37 -17.63 6.50 25.29
N TYR C 38 -16.79 6.51 26.29
CA TYR C 38 -15.73 7.47 26.30
C TYR C 38 -14.55 6.91 25.45
N ASP C 39 -14.43 5.59 25.33
CA ASP C 39 -13.34 5.08 24.50
C ASP C 39 -13.78 3.99 23.52
N SER C 40 -15.04 4.02 23.14
CA SER C 40 -15.61 3.10 22.18
C SER C 40 -16.71 3.74 21.39
N VAL C 41 -16.95 3.28 20.17
CA VAL C 41 -18.06 3.72 19.35
C VAL C 41 -18.75 2.52 18.77
N ALA C 42 -20.06 2.60 18.78
CA ALA C 42 -20.90 1.56 18.17
C ALA C 42 -21.60 2.08 16.93
N TYR C 43 -21.63 1.26 15.90
CA TYR C 43 -22.19 1.63 14.59
C TYR C 43 -23.32 0.68 14.18
N LEU C 44 -24.39 1.23 13.62
CA LEU C 44 -25.45 0.43 12.96
C LEU C 44 -25.13 0.39 11.48
N VAL C 45 -24.95 -0.82 10.94
CA VAL C 45 -24.47 -1.02 9.58
C VAL C 45 -25.52 -1.80 8.78
N ASN C 46 -25.86 -1.27 7.60
CA ASN C 46 -26.87 -1.88 6.68
C ASN C 46 -28.21 -2.07 7.37
N ASN C 47 -28.49 -1.23 8.35
CA ASN C 47 -29.67 -1.32 9.16
C ASN C 47 -29.96 -2.72 9.76
N GLU C 48 -28.90 -3.45 10.06
CA GLU C 48 -28.98 -4.88 10.37
C GLU C 48 -27.91 -5.36 11.36
N TYR C 49 -26.69 -4.83 11.22
CA TYR C 49 -25.58 -5.25 12.06
C TYR C 49 -25.15 -4.16 13.03
N ILE C 50 -24.76 -4.57 14.22
CA ILE C 50 -24.11 -3.70 15.17
C ILE C 50 -22.65 -4.03 15.07
N PHE C 51 -21.83 -2.99 14.88
CA PHE C 51 -20.38 -3.14 15.03
C PHE C 51 -19.91 -2.27 16.21
N LYS C 52 -19.41 -2.92 17.28
CA LYS C 52 -18.77 -2.23 18.39
C LYS C 52 -17.30 -2.16 18.14
N THR C 53 -16.71 -1.02 18.38
CA THR C 53 -15.29 -0.81 18.06
C THR C 53 -14.56 0.00 19.12
N LYS C 54 -13.26 -0.24 19.21
CA LYS C 54 -12.45 0.32 20.24
C LYS C 54 -11.01 0.37 19.79
N PHE C 55 -10.28 1.38 20.23
CA PHE C 55 -8.85 1.46 19.89
C PHE C 55 -8.05 1.04 21.13
N TYR C 63 -11.73 -6.31 23.75
CA TYR C 63 -12.95 -7.04 23.39
C TYR C 63 -12.77 -8.58 23.26
N ALA C 64 -11.58 -9.08 23.58
CA ALA C 64 -11.36 -10.49 23.63
C ALA C 64 -12.25 -11.22 24.68
N LYS C 65 -12.33 -10.69 25.89
CA LYS C 65 -13.16 -11.30 26.94
C LYS C 65 -14.62 -11.23 26.58
N GLU C 66 -15.06 -10.13 26.07
CA GLU C 66 -16.45 -9.97 25.72
C GLU C 66 -16.84 -11.02 24.66
N LYS C 67 -15.98 -11.21 23.67
CA LYS C 67 -16.19 -12.24 22.67
C LYS C 67 -16.24 -13.64 23.27
N ALA C 68 -15.28 -13.94 24.16
CA ALA C 68 -15.26 -15.22 24.86
C ALA C 68 -16.57 -15.43 25.64
N ILE C 69 -17.11 -14.36 26.19
CA ILE C 69 -18.33 -14.51 26.96
C ILE C 69 -19.56 -14.77 26.10
N TYR C 70 -19.71 -14.05 25.00
CA TYR C 70 -20.83 -14.32 24.08
C TYR C 70 -20.71 -15.76 23.54
N ASN C 71 -19.51 -16.21 23.21
CA ASN C 71 -19.35 -17.53 22.72
C ASN C 71 -19.74 -18.57 23.80
N PHE C 72 -19.27 -18.38 25.03
CA PHE C 72 -19.67 -19.26 26.13
C PHE C 72 -21.18 -19.25 26.35
N LEU C 73 -21.79 -18.08 26.32
CA LEU C 73 -23.22 -18.00 26.61
C LEU C 73 -24.08 -18.58 25.51
N ASN C 74 -23.68 -18.36 24.26
CA ASN C 74 -24.48 -18.85 23.12
C ASN C 74 -24.43 -20.38 23.03
N THR C 75 -23.35 -20.97 23.53
CA THR C 75 -23.26 -22.42 23.71
C THR C 75 -24.09 -22.94 24.89
N ASN C 76 -24.09 -22.25 26.01
CA ASN C 76 -24.62 -22.85 27.27
C ASN C 76 -25.97 -22.38 27.74
N LEU C 77 -26.40 -21.21 27.35
CA LEU C 77 -27.72 -20.72 27.79
C LEU C 77 -28.80 -21.36 27.00
N GLU C 78 -29.88 -21.76 27.66
CA GLU C 78 -31.14 -22.08 26.98
C GLU C 78 -32.18 -21.03 27.39
N THR C 79 -32.48 -20.13 26.47
CA THR C 79 -33.37 -19.04 26.78
C THR C 79 -33.92 -18.52 25.47
N ASN C 80 -35.09 -17.91 25.53
CA ASN C 80 -35.65 -17.23 24.36
C ASN C 80 -35.28 -15.77 24.33
N VAL C 81 -34.62 -15.29 25.38
CA VAL C 81 -34.09 -13.92 25.37
C VAL C 81 -32.86 -13.88 24.48
N LYS C 82 -32.81 -12.94 23.55
CA LYS C 82 -31.69 -12.87 22.63
C LYS C 82 -30.49 -12.10 23.21
N ILE C 83 -29.29 -12.53 22.85
CA ILE C 83 -28.08 -11.84 23.18
C ILE C 83 -27.19 -11.72 21.95
N PRO C 84 -26.15 -10.86 21.97
CA PRO C 84 -25.31 -10.79 20.80
C PRO C 84 -24.74 -12.14 20.41
N ASN C 85 -24.73 -12.37 19.10
CA ASN C 85 -24.12 -13.55 18.57
C ASN C 85 -23.04 -13.14 17.59
N ILE C 86 -21.78 -13.31 17.99
CA ILE C 86 -20.69 -12.71 17.24
C ILE C 86 -20.44 -13.40 15.89
N GLU C 87 -20.62 -12.66 14.81
CA GLU C 87 -20.30 -13.18 13.48
C GLU C 87 -19.01 -12.64 12.97
N TYR C 88 -18.62 -11.44 13.40
CA TYR C 88 -17.40 -10.80 12.91
C TYR C 88 -16.56 -10.35 14.06
N SER C 89 -15.30 -10.69 14.07
CA SER C 89 -14.42 -10.20 15.09
C SER C 89 -13.05 -9.94 14.51
N TYR C 90 -12.48 -8.80 14.90
CA TYR C 90 -11.08 -8.48 14.70
C TYR C 90 -10.52 -7.95 15.98
N ILE C 91 -9.51 -8.61 16.50
CA ILE C 91 -8.91 -8.25 17.76
C ILE C 91 -7.40 -8.13 17.65
N SER C 92 -6.92 -6.96 17.97
CA SER C 92 -5.50 -6.61 17.98
C SER C 92 -5.24 -5.65 19.14
N ASP C 93 -3.97 -5.43 19.42
CA ASP C 93 -3.52 -4.50 20.46
C ASP C 93 -4.13 -3.12 20.29
N GLU C 94 -4.16 -2.67 19.03
CA GLU C 94 -4.49 -1.30 18.69
C GLU C 94 -5.96 -1.12 18.30
N LEU C 95 -6.66 -2.19 17.97
CA LEU C 95 -8.00 -2.10 17.41
C LEU C 95 -8.78 -3.35 17.65
N SER C 96 -10.01 -3.19 18.12
CA SER C 96 -10.94 -4.30 18.30
C SER C 96 -12.28 -3.95 17.72
N ILE C 97 -12.83 -4.91 16.97
CA ILE C 97 -14.16 -4.80 16.39
C ILE C 97 -14.95 -6.09 16.65
N LEU C 98 -16.19 -5.95 17.09
CA LEU C 98 -17.14 -7.05 17.18
C LEU C 98 -18.36 -6.68 16.39
N GLY C 99 -18.82 -7.60 15.55
CA GLY C 99 -20.03 -7.41 14.74
C GLY C 99 -21.03 -8.56 14.98
N TYR C 100 -22.29 -8.16 15.13
CA TYR C 100 -23.37 -9.11 15.35
C TYR C 100 -24.65 -8.52 14.82
N LYS C 101 -25.64 -9.34 14.60
CA LYS C 101 -26.93 -8.85 14.13
C LYS C 101 -27.61 -8.08 15.23
N GLU C 102 -28.10 -6.91 14.88
CA GLU C 102 -28.83 -6.04 15.79
C GLU C 102 -30.00 -6.78 16.34
N ILE C 103 -30.12 -6.78 17.66
CA ILE C 103 -31.30 -7.32 18.26
C ILE C 103 -32.35 -6.21 18.21
N LYS C 104 -33.49 -6.50 17.59
CA LYS C 104 -34.52 -5.53 17.35
C LYS C 104 -35.43 -5.35 18.57
N GLY C 105 -35.81 -4.10 18.85
CA GLY C 105 -36.39 -3.80 20.09
C GLY C 105 -36.25 -2.37 20.51
N THR C 106 -36.93 -2.05 21.60
CA THR C 106 -36.90 -0.73 22.24
C THR C 106 -36.27 -0.89 23.63
N PHE C 107 -35.39 0.04 23.98
CA PHE C 107 -34.71 -0.06 25.27
C PHE C 107 -35.64 0.35 26.37
N LEU C 108 -35.61 -0.41 27.45
CA LEU C 108 -36.36 -0.09 28.65
C LEU C 108 -35.89 1.23 29.25
N THR C 109 -36.86 2.06 29.60
CA THR C 109 -36.60 3.30 30.36
C THR C 109 -37.64 3.44 31.47
N PRO C 110 -37.39 4.27 32.47
CA PRO C 110 -38.42 4.62 33.46
C PRO C 110 -39.76 5.06 32.87
N GLU C 111 -39.69 5.92 31.84
CA GLU C 111 -40.87 6.44 31.22
C GLU C 111 -41.73 5.33 30.56
N ILE C 112 -41.07 4.45 29.84
CA ILE C 112 -41.71 3.34 29.21
C ILE C 112 -42.33 2.41 30.28
N TYR C 113 -41.59 2.16 31.34
CA TYR C 113 -42.06 1.25 32.37
C TYR C 113 -43.36 1.77 33.02
N SER C 114 -43.45 3.08 33.22
CA SER C 114 -44.57 3.67 33.87
C SER C 114 -45.86 3.63 33.03
N THR C 115 -45.73 3.51 31.72
CA THR C 115 -46.89 3.36 30.86
C THR C 115 -47.33 1.89 30.74
N MET C 116 -46.53 0.97 31.21
CA MET C 116 -46.89 -0.46 31.03
C MET C 116 -48.00 -0.83 31.99
N SER C 117 -48.88 -1.73 31.57
CA SER C 117 -49.91 -2.28 32.46
C SER C 117 -49.24 -3.08 33.59
N GLU C 118 -49.99 -3.26 34.68
CA GLU C 118 -49.45 -4.00 35.82
C GLU C 118 -49.00 -5.42 35.41
N GLU C 119 -49.78 -6.06 34.52
CA GLU C 119 -49.47 -7.40 34.05
C GLU C 119 -48.20 -7.42 33.23
N GLU C 120 -48.02 -6.42 32.37
CA GLU C 120 -46.83 -6.28 31.56
C GLU C 120 -45.60 -6.09 32.46
N GLN C 121 -45.74 -5.24 33.48
CA GLN C 121 -44.65 -5.03 34.40
C GLN C 121 -44.27 -6.33 35.10
N ASN C 122 -45.29 -7.08 35.52
CA ASN C 122 -45.03 -8.29 36.25
C ASN C 122 -44.31 -9.30 35.39
N LEU C 123 -44.70 -9.42 34.11
CA LEU C 123 -44.04 -10.37 33.22
C LEU C 123 -42.59 -9.98 32.97
N LEU C 124 -42.33 -8.67 32.82
CA LEU C 124 -40.98 -8.21 32.60
C LEU C 124 -40.10 -8.57 33.81
N LYS C 125 -40.55 -8.29 35.01
CA LYS C 125 -39.85 -8.64 36.20
C LYS C 125 -39.56 -10.12 36.28
N ARG C 126 -40.54 -10.92 35.89
CA ARG C 126 -40.37 -12.38 35.94
C ARG C 126 -39.36 -12.85 34.91
N ASP C 127 -39.42 -12.22 33.74
CA ASP C 127 -38.50 -12.57 32.66
C ASP C 127 -37.04 -12.24 33.11
N ILE C 128 -36.88 -11.11 33.76
CA ILE C 128 -35.56 -10.71 34.21
C ILE C 128 -35.06 -11.68 35.26
N ALA C 129 -35.89 -11.96 36.27
CA ALA C 129 -35.50 -12.89 37.30
C ALA C 129 -35.11 -14.23 36.73
N SER C 130 -35.87 -14.68 35.74
CA SER C 130 -35.67 -15.99 35.19
C SER C 130 -34.34 -16.06 34.42
N PHE C 131 -34.06 -14.98 33.68
CA PHE C 131 -32.83 -14.93 32.90
C PHE C 131 -31.62 -14.95 33.84
N LEU C 132 -31.66 -14.11 34.87
CA LEU C 132 -30.58 -14.03 35.81
C LEU C 132 -30.38 -15.34 36.53
N ARG C 133 -31.47 -16.02 36.88
CA ARG C 133 -31.37 -17.30 37.57
C ARG C 133 -30.68 -18.32 36.69
N GLN C 134 -31.05 -18.34 35.42
CA GLN C 134 -30.40 -19.28 34.49
C GLN C 134 -28.91 -18.95 34.32
N MET C 135 -28.58 -17.67 34.13
CA MET C 135 -27.18 -17.31 33.89
C MET C 135 -26.34 -17.59 35.14
N HIS C 136 -26.83 -17.18 36.30
CA HIS C 136 -26.10 -17.36 37.55
C HIS C 136 -25.95 -18.85 37.94
N GLY C 137 -26.80 -19.72 37.40
CA GLY C 137 -26.71 -21.14 37.65
C GLY C 137 -25.75 -21.90 36.71
N LEU C 138 -25.21 -21.25 35.69
CA LEU C 138 -24.33 -21.92 34.77
C LEU C 138 -23.04 -22.39 35.38
N ASP C 139 -22.64 -23.59 35.01
CA ASP C 139 -21.36 -24.15 35.32
C ASP C 139 -20.35 -23.28 34.58
N TYR C 140 -19.46 -22.63 35.32
CA TYR C 140 -18.52 -21.68 34.71
C TYR C 140 -17.10 -22.23 34.56
N THR C 141 -16.95 -23.53 34.70
CA THR C 141 -15.63 -24.18 34.66
C THR C 141 -14.83 -23.82 33.40
N ASP C 142 -15.50 -23.85 32.27
CA ASP C 142 -14.88 -23.53 30.96
C ASP C 142 -14.45 -22.06 30.77
N ILE C 143 -14.91 -21.16 31.61
CA ILE C 143 -14.44 -19.76 31.54
C ILE C 143 -13.89 -19.33 32.90
N SER C 144 -13.25 -20.27 33.61
CA SER C 144 -12.91 -20.03 35.03
C SER C 144 -11.79 -18.99 35.24
N GLU C 145 -11.06 -18.70 34.17
CA GLU C 145 -10.10 -17.58 34.13
C GLU C 145 -10.75 -16.18 34.27
N CYS C 146 -12.05 -16.08 33.98
CA CYS C 146 -12.75 -14.77 33.89
C CYS C 146 -13.28 -14.26 35.27
N THR C 147 -12.48 -14.43 36.32
CA THR C 147 -12.88 -14.01 37.64
C THR C 147 -12.59 -12.53 37.82
N ILE C 148 -13.41 -11.91 38.65
CA ILE C 148 -13.25 -10.53 39.03
C ILE C 148 -13.40 -10.44 40.54
N ASP C 149 -12.44 -9.86 41.23
CA ASP C 149 -12.51 -9.69 42.68
C ASP C 149 -12.58 -8.17 42.95
N ASN C 150 -13.80 -7.70 43.21
CA ASN C 150 -14.05 -6.28 43.42
C ASN C 150 -13.29 -5.72 44.62
N LYS C 151 -13.29 -6.48 45.74
CA LYS C 151 -12.68 -5.98 46.95
C LYS C 151 -11.18 -5.79 46.76
N GLN C 152 -10.54 -6.80 46.16
CA GLN C 152 -9.12 -6.72 45.88
C GLN C 152 -8.78 -5.59 44.92
N ASN C 153 -9.61 -5.42 43.89
CA ASN C 153 -9.39 -4.34 42.92
C ASN C 153 -9.41 -2.97 43.67
N VAL C 154 -10.38 -2.80 44.59
CA VAL C 154 -10.50 -1.58 45.32
C VAL C 154 -9.28 -1.35 46.22
N LEU C 155 -8.82 -2.39 46.89
CA LEU C 155 -7.65 -2.24 47.73
C LEU C 155 -6.43 -1.79 46.93
N GLU C 156 -6.31 -2.34 45.74
CA GLU C 156 -5.19 -1.92 44.88
C GLU C 156 -5.32 -0.50 44.37
N GLU C 157 -6.54 -0.10 44.06
CA GLU C 157 -6.80 1.27 43.66
C GLU C 157 -6.54 2.24 44.81
N TYR C 158 -6.86 1.84 46.04
CA TYR C 158 -6.56 2.67 47.21
C TYR C 158 -5.04 2.87 47.37
N ILE C 159 -4.30 1.79 47.16
CA ILE C 159 -2.85 1.93 47.26
C ILE C 159 -2.29 2.89 46.21
N LEU C 160 -2.86 2.81 45.01
CA LEU C 160 -2.50 3.73 43.94
C LEU C 160 -2.81 5.15 44.33
N LEU C 161 -3.95 5.42 44.99
CA LEU C 161 -4.26 6.76 45.45
C LEU C 161 -3.20 7.25 46.41
N ARG C 162 -2.83 6.40 47.37
CA ARG C 162 -1.88 6.77 48.36
C ARG C 162 -0.53 7.02 47.78
N GLU C 163 -0.19 6.35 46.70
CA GLU C 163 1.11 6.53 46.01
C GLU C 163 1.12 7.77 45.12
N THR C 164 -0.05 8.36 44.81
CA THR C 164 -0.11 9.44 43.84
C THR C 164 -0.65 10.71 44.43
N ILE C 165 -1.95 10.91 44.36
CA ILE C 165 -2.54 12.22 44.69
C ILE C 165 -3.21 12.35 46.06
N TYR C 166 -3.27 11.28 46.84
CA TYR C 166 -3.94 11.35 48.14
C TYR C 166 -3.47 12.49 49.02
N ASN C 167 -2.17 12.75 49.08
CA ASN C 167 -1.64 13.79 49.98
C ASN C 167 -2.08 15.21 49.55
N ASP C 168 -2.37 15.41 48.29
CA ASP C 168 -2.90 16.68 47.79
C ASP C 168 -4.42 16.87 47.90
N LEU C 169 -5.15 15.87 48.36
CA LEU C 169 -6.61 16.02 48.45
C LEU C 169 -6.95 16.87 49.65
N THR C 170 -8.15 17.41 49.69
CA THR C 170 -8.66 18.09 50.87
C THR C 170 -9.01 17.17 52.02
N ASP C 171 -9.13 17.70 53.21
CA ASP C 171 -9.56 16.89 54.37
C ASP C 171 -10.94 16.27 54.14
N ILE C 172 -11.88 17.02 53.56
CA ILE C 172 -13.19 16.45 53.26
C ILE C 172 -13.07 15.23 52.31
N GLU C 173 -12.23 15.37 51.30
CA GLU C 173 -12.05 14.30 50.32
C GLU C 173 -11.37 13.10 50.98
N LYS C 174 -10.33 13.37 51.73
CA LYS C 174 -9.64 12.32 52.48
C LYS C 174 -10.58 11.57 53.42
N ASP C 175 -11.42 12.29 54.15
CA ASP C 175 -12.34 11.63 55.06
C ASP C 175 -13.35 10.75 54.32
N TYR C 176 -13.82 11.19 53.17
CA TYR C 176 -14.76 10.39 52.38
C TYR C 176 -14.09 9.09 51.98
N ILE C 177 -12.83 9.17 51.54
CA ILE C 177 -12.12 7.98 51.14
C ILE C 177 -11.83 7.04 52.32
N GLU C 178 -11.36 7.59 53.44
CA GLU C 178 -11.05 6.75 54.60
C GLU C 178 -12.27 6.12 55.19
N SER C 179 -13.36 6.83 55.14
CA SER C 179 -14.61 6.33 55.67
C SER C 179 -15.12 5.18 54.81
N PHE C 180 -14.95 5.31 53.50
CA PHE C 180 -15.31 4.23 52.57
C PHE C 180 -14.44 3.00 52.80
N MET C 181 -13.14 3.20 52.94
CA MET C 181 -12.22 2.05 53.15
C MET C 181 -12.50 1.32 54.46
N GLU C 182 -12.94 2.06 55.47
CA GLU C 182 -13.34 1.42 56.71
C GLU C 182 -14.55 0.50 56.49
N ARG C 183 -15.53 1.02 55.79
CA ARG C 183 -16.70 0.25 55.48
C ARG C 183 -16.34 -0.98 54.63
N LEU C 184 -15.49 -0.76 53.64
CA LEU C 184 -15.08 -1.84 52.76
C LEU C 184 -14.36 -2.95 53.48
N ASN C 185 -13.51 -2.62 54.45
CA ASN C 185 -12.76 -3.57 55.18
C ASN C 185 -13.63 -4.34 56.20
N ALA C 186 -14.70 -3.74 56.71
CA ALA C 186 -15.60 -4.42 57.67
C ALA C 186 -16.72 -5.25 57.03
N THR C 187 -17.10 -4.97 55.78
CA THR C 187 -18.35 -5.57 55.23
C THR C 187 -18.20 -7.04 55.00
N THR C 188 -19.31 -7.74 55.00
CA THR C 188 -19.34 -9.19 54.70
C THR C 188 -20.00 -9.47 53.33
N VAL C 189 -20.41 -8.43 52.58
CA VAL C 189 -21.09 -8.65 51.33
C VAL C 189 -20.23 -9.26 50.21
N PHE C 190 -18.91 -9.40 50.39
CA PHE C 190 -18.11 -10.10 49.38
C PHE C 190 -17.92 -11.58 49.65
N GLU C 191 -18.61 -12.10 50.66
CA GLU C 191 -18.32 -13.43 51.12
C GLU C 191 -19.41 -14.41 50.73
N GLY C 192 -20.34 -14.03 49.87
CA GLY C 192 -21.40 -14.90 49.43
C GLY C 192 -21.06 -15.63 48.12
N LYS C 193 -22.13 -16.12 47.49
CA LYS C 193 -22.00 -16.88 46.25
C LYS C 193 -21.35 -16.07 45.15
N LYS C 194 -20.44 -16.73 44.42
CA LYS C 194 -19.84 -16.23 43.21
C LYS C 194 -20.48 -16.93 42.04
N CYS C 195 -20.70 -16.21 40.95
CA CYS C 195 -21.21 -16.82 39.74
C CYS C 195 -20.97 -15.92 38.57
N LEU C 196 -21.29 -16.38 37.40
CA LEU C 196 -21.18 -15.58 36.19
C LEU C 196 -22.27 -14.54 36.18
N CYS C 197 -21.84 -13.25 36.15
CA CYS C 197 -22.77 -12.13 36.07
C CYS C 197 -22.53 -11.28 34.87
N HIS C 198 -23.62 -10.71 34.36
CA HIS C 198 -23.58 -9.68 33.29
C HIS C 198 -22.70 -8.54 33.75
N ASN C 199 -22.97 -8.11 35.00
CA ASN C 199 -22.18 -7.10 35.73
C ASN C 199 -22.31 -5.68 35.19
N ASP C 200 -23.29 -5.41 34.35
CA ASP C 200 -23.61 -4.04 33.97
C ASP C 200 -25.07 -4.00 33.57
N PHE C 201 -25.88 -4.54 34.45
CA PHE C 201 -27.26 -4.92 34.14
C PHE C 201 -28.22 -3.78 34.41
N SER C 202 -28.18 -2.80 33.52
CA SER C 202 -28.94 -1.57 33.70
C SER C 202 -29.98 -1.52 32.61
N CYS C 203 -30.99 -0.68 32.73
CA CYS C 203 -32.09 -0.76 31.72
C CYS C 203 -31.74 -0.28 30.34
N ASN C 204 -30.70 0.51 30.18
CA ASN C 204 -30.19 0.83 28.81
C ASN C 204 -29.52 -0.40 28.08
N HIS C 205 -29.42 -1.56 28.76
CA HIS C 205 -28.98 -2.78 28.12
C HIS C 205 -30.10 -3.81 27.94
N LEU C 206 -31.34 -3.42 28.23
CA LEU C 206 -32.47 -4.32 28.15
C LEU C 206 -33.44 -3.92 27.06
N LEU C 207 -33.73 -4.87 26.17
CA LEU C 207 -34.61 -4.61 25.01
C LEU C 207 -35.96 -5.21 25.19
N LEU C 208 -36.99 -4.42 24.90
CA LEU C 208 -38.38 -4.91 24.84
C LEU C 208 -38.85 -5.08 23.39
N ASP C 209 -39.72 -6.06 23.14
CA ASP C 209 -40.39 -6.17 21.83
C ASP C 209 -41.65 -5.31 21.77
N GLY C 210 -42.43 -5.43 20.70
CA GLY C 210 -43.67 -4.66 20.51
C GLY C 210 -44.75 -4.83 21.56
N ASN C 211 -44.72 -5.97 22.26
CA ASN C 211 -45.63 -6.23 23.38
C ASN C 211 -45.05 -5.92 24.77
N ASN C 212 -43.92 -5.22 24.82
CA ASN C 212 -43.23 -4.89 26.10
C ASN C 212 -42.80 -6.09 26.88
N ARG C 213 -42.49 -7.16 26.15
CA ARG C 213 -41.87 -8.34 26.72
C ARG C 213 -40.36 -8.19 26.54
N LEU C 214 -39.60 -8.72 27.52
CA LEU C 214 -38.16 -8.71 27.43
C LEU C 214 -37.77 -9.58 26.26
N THR C 215 -37.07 -9.00 25.31
CA THR C 215 -36.71 -9.72 24.08
C THR C 215 -35.20 -9.89 23.90
N GLY C 216 -34.42 -8.98 24.47
CA GLY C 216 -33.00 -9.13 24.42
C GLY C 216 -32.22 -8.36 25.46
N ILE C 217 -30.96 -8.79 25.63
CA ILE C 217 -30.01 -8.20 26.54
C ILE C 217 -28.66 -8.04 25.82
N ILE C 218 -28.04 -6.87 25.99
CA ILE C 218 -26.78 -6.53 25.35
C ILE C 218 -25.70 -6.18 26.32
N ASP C 219 -24.50 -6.00 25.80
CA ASP C 219 -23.34 -5.43 26.54
C ASP C 219 -22.94 -6.31 27.70
N PHE C 220 -22.41 -7.48 27.36
CA PHE C 220 -21.83 -8.39 28.33
C PHE C 220 -20.33 -8.07 28.49
N GLY C 221 -19.94 -6.84 28.18
CA GLY C 221 -18.59 -6.42 28.20
C GLY C 221 -17.88 -6.38 29.57
N ASP C 222 -18.63 -6.25 30.66
CA ASP C 222 -18.04 -6.30 31.98
C ASP C 222 -18.22 -7.64 32.67
N SER C 223 -18.76 -8.61 31.96
CA SER C 223 -19.18 -9.82 32.57
C SER C 223 -17.97 -10.68 33.05
N GLY C 224 -18.24 -11.46 34.07
CA GLY C 224 -17.21 -12.26 34.73
C GLY C 224 -17.80 -12.99 35.94
N ILE C 225 -16.96 -13.81 36.53
CA ILE C 225 -17.32 -14.56 37.71
C ILE C 225 -17.06 -13.67 38.90
N ILE C 226 -18.11 -13.38 39.64
CA ILE C 226 -18.14 -12.30 40.60
C ILE C 226 -19.25 -12.52 41.60
N ASP C 227 -19.39 -11.69 42.61
CA ASP C 227 -20.51 -11.82 43.55
C ASP C 227 -21.88 -11.78 42.84
N GLU C 228 -22.73 -12.72 43.23
CA GLU C 228 -24.10 -12.81 42.76
C GLU C 228 -24.85 -11.51 42.95
N TYR C 229 -24.54 -10.75 44.03
CA TYR C 229 -25.23 -9.47 44.28
C TYR C 229 -25.06 -8.44 43.15
N CYS C 230 -23.95 -8.56 42.43
CA CYS C 230 -23.59 -7.60 41.36
C CYS C 230 -24.61 -7.40 40.28
N ASP C 231 -25.37 -8.39 39.91
CA ASP C 231 -26.37 -8.22 38.84
C ASP C 231 -27.63 -7.51 39.31
N PHE C 232 -27.67 -7.09 40.57
CA PHE C 232 -28.82 -6.35 41.09
C PHE C 232 -28.53 -4.88 41.40
N ILE C 233 -27.32 -4.45 41.18
CA ILE C 233 -26.88 -3.13 41.62
C ILE C 233 -27.58 -2.02 40.88
N TYR C 234 -27.89 -2.23 39.63
CA TYR C 234 -28.61 -1.18 38.86
C TYR C 234 -30.10 -1.33 38.99
N LEU C 235 -30.59 -2.57 39.10
CA LEU C 235 -32.01 -2.81 39.33
C LEU C 235 -32.46 -2.19 40.64
N LEU C 236 -31.54 -2.07 41.58
CA LEU C 236 -31.81 -1.46 42.88
C LEU C 236 -31.51 0.01 42.99
N GLU C 237 -30.98 0.60 41.92
CA GLU C 237 -30.50 1.98 41.95
C GLU C 237 -31.65 2.95 41.88
N ASP C 238 -31.57 3.98 42.72
CA ASP C 238 -32.53 5.09 42.69
C ASP C 238 -31.88 6.25 41.93
N SER C 239 -32.24 6.43 40.66
CA SER C 239 -31.70 7.51 39.83
C SER C 239 -32.63 7.77 38.67
N GLU C 240 -32.32 8.78 37.90
CA GLU C 240 -33.13 9.16 36.73
C GLU C 240 -33.03 8.10 35.59
N GLU C 241 -31.92 7.38 35.56
CA GLU C 241 -31.67 6.44 34.49
C GLU C 241 -32.33 5.09 34.74
N GLU C 242 -32.57 4.77 36.01
CA GLU C 242 -33.08 3.44 36.36
C GLU C 242 -34.49 3.52 36.89
N ILE C 243 -35.14 2.38 36.92
CA ILE C 243 -36.57 2.36 37.27
C ILE C 243 -36.82 2.68 38.73
N GLY C 244 -36.03 2.09 39.62
CA GLY C 244 -36.13 2.41 41.04
C GLY C 244 -35.99 1.15 41.90
N THR C 245 -35.71 1.43 43.17
CA THR C 245 -35.47 0.40 44.19
C THR C 245 -36.60 -0.62 44.27
N ASN C 246 -37.86 -0.23 44.12
CA ASN C 246 -38.98 -1.16 44.19
C ASN C 246 -38.97 -2.25 43.13
N PHE C 247 -38.52 -1.88 41.96
CA PHE C 247 -38.35 -2.75 40.80
C PHE C 247 -37.35 -3.84 41.12
N GLY C 248 -36.19 -3.41 41.63
CA GLY C 248 -35.14 -4.34 42.08
C GLY C 248 -35.56 -5.25 43.23
N GLU C 249 -36.29 -4.70 44.21
CA GLU C 249 -36.76 -5.52 45.32
C GLU C 249 -37.70 -6.62 44.83
N ASP C 250 -38.64 -6.25 43.94
CA ASP C 250 -39.58 -7.22 43.46
C ASP C 250 -38.89 -8.34 42.66
N ILE C 251 -37.90 -7.94 41.85
CA ILE C 251 -37.15 -8.89 41.05
C ILE C 251 -36.38 -9.82 41.96
N LEU C 252 -35.81 -9.26 43.03
CA LEU C 252 -35.10 -10.07 44.00
C LEU C 252 -35.99 -11.11 44.67
N ARG C 253 -37.23 -10.74 44.98
CA ARG C 253 -38.17 -11.68 45.59
C ARG C 253 -38.53 -12.78 44.63
N MET C 254 -38.73 -12.44 43.35
CA MET C 254 -39.01 -13.46 42.34
C MET C 254 -37.80 -14.37 42.11
N TYR C 255 -36.63 -13.79 42.12
CA TYR C 255 -35.41 -14.55 41.88
C TYR C 255 -35.20 -15.56 43.01
N GLY C 256 -35.41 -15.10 44.24
CA GLY C 256 -35.36 -15.93 45.44
C GLY C 256 -33.96 -16.34 45.94
N ASN C 257 -33.96 -16.90 47.14
CA ASN C 257 -32.75 -17.38 47.82
C ASN C 257 -31.66 -16.39 47.82
N ILE C 258 -31.98 -15.16 48.14
CA ILE C 258 -30.97 -14.12 48.23
C ILE C 258 -31.45 -13.09 49.23
N ASP C 259 -30.51 -12.67 50.06
CA ASP C 259 -30.74 -11.71 51.16
C ASP C 259 -30.81 -10.32 50.56
N ILE C 260 -32.02 -9.79 50.51
CA ILE C 260 -32.27 -8.51 49.79
C ILE C 260 -31.59 -7.34 50.49
N GLU C 261 -31.52 -7.36 51.81
CA GLU C 261 -30.85 -6.28 52.51
C GLU C 261 -29.35 -6.28 52.21
N LYS C 262 -28.74 -7.43 52.11
CA LYS C 262 -27.33 -7.49 51.70
C LYS C 262 -27.11 -7.09 50.29
N ALA C 263 -28.00 -7.44 49.39
CA ALA C 263 -27.93 -6.95 48.02
C ALA C 263 -28.00 -5.44 47.98
N LYS C 264 -28.82 -4.84 48.83
CA LYS C 264 -28.86 -3.41 48.93
C LYS C 264 -27.65 -2.81 49.58
N GLU C 265 -27.09 -3.47 50.57
CA GLU C 265 -25.83 -3.03 51.15
C GLU C 265 -24.72 -3.03 50.08
N TYR C 266 -24.67 -4.08 49.26
CA TYR C 266 -23.68 -4.22 48.22
C TYR C 266 -23.87 -3.05 47.24
N GLN C 267 -25.08 -2.81 46.78
CA GLN C 267 -25.30 -1.67 45.90
C GLN C 267 -24.91 -0.35 46.53
N ASP C 268 -25.16 -0.18 47.83
CA ASP C 268 -24.85 1.09 48.50
C ASP C 268 -23.35 1.31 48.60
N ILE C 269 -22.61 0.26 48.88
CA ILE C 269 -21.15 0.34 48.93
C ILE C 269 -20.57 0.67 47.55
N VAL C 270 -21.08 0.02 46.51
CA VAL C 270 -20.61 0.31 45.15
C VAL C 270 -20.93 1.74 44.82
N GLU C 271 -22.11 2.21 45.21
CA GLU C 271 -22.51 3.57 44.91
C GLU C 271 -21.59 4.53 45.64
N GLU C 272 -21.23 4.23 46.87
CA GLU C 272 -20.34 5.08 47.64
C GLU C 272 -18.98 5.17 46.97
N TYR C 273 -18.53 4.08 46.37
CA TYR C 273 -17.24 4.02 45.68
C TYR C 273 -17.18 4.81 44.39
N TYR C 274 -18.30 5.05 43.75
CA TYR C 274 -18.32 5.64 42.40
C TYR C 274 -17.46 6.87 42.16
N PRO C 275 -17.53 7.88 43.02
CA PRO C 275 -16.63 9.02 42.91
C PRO C 275 -15.14 8.66 42.96
N ILE C 276 -14.80 7.72 43.78
CA ILE C 276 -13.40 7.31 43.94
C ILE C 276 -13.00 6.53 42.70
N GLU C 277 -13.89 5.70 42.20
CA GLU C 277 -13.65 4.97 40.96
C GLU C 277 -13.37 5.95 39.83
N THR C 278 -14.10 7.05 39.81
CA THR C 278 -13.96 8.07 38.81
C THR C 278 -12.60 8.73 38.94
N ILE C 279 -12.20 9.05 40.16
CA ILE C 279 -10.89 9.65 40.42
C ILE C 279 -9.77 8.73 39.91
N VAL C 280 -9.88 7.46 40.24
CA VAL C 280 -8.89 6.47 39.92
C VAL C 280 -8.78 6.29 38.42
N TYR C 281 -9.90 6.29 37.72
CA TYR C 281 -9.89 6.25 36.26
C TYR C 281 -9.07 7.43 35.73
N GLY C 282 -9.26 8.61 36.31
CA GLY C 282 -8.56 9.79 35.86
C GLY C 282 -7.05 9.69 36.10
N ILE C 283 -6.66 9.10 37.23
CA ILE C 283 -5.25 8.91 37.50
C ILE C 283 -4.63 7.93 36.53
N LYS C 284 -5.26 6.78 36.37
CA LYS C 284 -4.73 5.71 35.51
C LYS C 284 -4.59 6.11 34.06
N ASN C 285 -5.54 6.89 33.59
CA ASN C 285 -5.59 7.30 32.17
C ASN C 285 -5.10 8.73 31.96
N ILE C 286 -4.50 9.31 32.99
CA ILE C 286 -3.98 10.67 32.93
C ILE C 286 -5.02 11.65 32.35
N LYS C 287 -6.19 11.68 33.00
CA LYS C 287 -7.33 12.50 32.54
C LYS C 287 -7.84 13.32 33.70
N GLN C 288 -7.34 14.56 33.80
CA GLN C 288 -7.61 15.43 34.93
C GLN C 288 -9.09 15.69 35.16
N GLU C 289 -9.80 15.81 34.07
CA GLU C 289 -11.25 16.00 34.01
C GLU C 289 -11.96 15.03 34.96
N PHE C 290 -11.56 13.77 34.92
CA PHE C 290 -12.19 12.72 35.74
C PHE C 290 -11.83 12.85 37.23
N ILE C 291 -10.58 13.24 37.49
CA ILE C 291 -10.14 13.46 38.86
C ILE C 291 -11.01 14.58 39.46
N GLU C 292 -11.16 15.67 38.74
CA GLU C 292 -11.96 16.79 39.19
C GLU C 292 -13.42 16.42 39.37
N ASN C 293 -13.98 15.65 38.42
CA ASN C 293 -15.37 15.26 38.51
C ASN C 293 -15.68 14.40 39.75
N GLY C 294 -14.78 13.46 40.01
CA GLY C 294 -14.95 12.63 41.19
C GLY C 294 -14.84 13.37 42.50
N ARG C 295 -13.90 14.29 42.58
CA ARG C 295 -13.72 15.12 43.79
C ARG C 295 -14.92 16.01 44.00
N LYS C 296 -15.43 16.60 42.93
CA LYS C 296 -16.63 17.42 43.06
C LYS C 296 -17.82 16.60 43.55
N GLU C 297 -17.92 15.37 43.04
CA GLU C 297 -19.03 14.51 43.44
C GLU C 297 -18.95 14.12 44.93
N ILE C 298 -17.74 13.99 45.47
CA ILE C 298 -17.57 13.81 46.92
C ILE C 298 -18.23 14.95 47.71
N TYR C 299 -17.98 16.20 47.30
CA TYR C 299 -18.60 17.35 47.93
C TYR C 299 -20.11 17.34 47.81
N LYS C 300 -20.60 17.03 46.59
CA LYS C 300 -22.05 16.94 46.43
C LYS C 300 -22.68 15.93 47.36
N ARG C 301 -22.07 14.76 47.43
CA ARG C 301 -22.61 13.72 48.32
C ARG C 301 -22.46 14.08 49.79
N THR C 302 -21.39 14.77 50.18
CA THR C 302 -21.21 15.16 51.59
C THR C 302 -22.28 16.17 52.07
N TYR C 303 -22.71 17.06 51.19
CA TYR C 303 -23.66 18.15 51.54
C TYR C 303 -25.14 17.87 51.25
N ALA D 9 -12.84 13.21 19.65
CA ALA D 9 -11.59 12.67 19.05
C ALA D 9 -11.75 11.29 18.42
N THR D 10 -12.93 10.88 17.94
CA THR D 10 -13.06 9.56 17.30
C THR D 10 -12.39 9.47 15.89
N ASN D 11 -12.52 10.59 15.15
CA ASN D 11 -11.98 10.63 13.77
C ASN D 11 -10.49 10.55 13.78
N VAL D 12 -9.99 11.34 14.71
CA VAL D 12 -8.57 11.47 14.95
C VAL D 12 -8.00 10.09 15.27
N LYS D 13 -8.71 9.29 16.05
CA LYS D 13 -8.18 7.98 16.47
C LYS D 13 -8.05 7.00 15.31
N ALA D 14 -9.10 6.96 14.48
CA ALA D 14 -9.08 6.10 13.30
C ALA D 14 -7.92 6.50 12.40
N MET D 15 -7.74 7.82 12.21
CA MET D 15 -6.75 8.30 11.28
C MET D 15 -5.34 8.10 11.84
N LYS D 16 -5.19 8.23 13.15
CA LYS D 16 -3.93 7.93 13.83
C LYS D 16 -3.56 6.48 13.57
N TYR D 17 -4.56 5.59 13.72
CA TYR D 17 -4.31 4.19 13.44
C TYR D 17 -3.86 3.95 12.00
N LEU D 18 -4.53 4.59 11.04
CA LEU D 18 -4.24 4.34 9.62
C LEU D 18 -2.84 4.84 9.24
N ILE D 19 -2.48 5.99 9.77
CA ILE D 19 -1.18 6.57 9.52
C ILE D 19 -0.06 5.66 10.00
N GLU D 20 -0.20 5.23 11.25
CA GLU D 20 0.79 4.36 11.83
C GLU D 20 0.82 2.99 11.20
N HIS D 21 -0.33 2.59 10.68
CA HIS D 21 -0.45 1.29 10.02
C HIS D 21 0.22 1.29 8.65
N TYR D 22 -0.01 2.33 7.87
CA TYR D 22 0.50 2.37 6.48
C TYR D 22 1.91 2.97 6.33
N PHE D 23 2.35 3.83 7.29
CA PHE D 23 3.69 4.40 7.25
C PHE D 23 4.47 3.85 8.46
N ASP D 24 5.30 2.86 8.11
CA ASP D 24 6.06 2.05 9.02
C ASP D 24 7.06 2.93 9.70
N ASN D 25 6.96 2.98 11.03
CA ASN D 25 7.83 3.73 11.89
C ASN D 25 7.42 5.21 12.05
N PHE D 26 6.31 5.64 11.43
CA PHE D 26 5.83 6.96 11.75
C PHE D 26 5.03 6.91 13.06
N LYS D 27 5.41 7.74 14.02
CA LYS D 27 4.71 7.79 15.31
C LYS D 27 3.89 9.07 15.47
N VAL D 28 2.59 8.92 15.66
CA VAL D 28 1.70 10.04 15.88
C VAL D 28 1.66 10.41 17.35
N ASP D 29 2.27 11.55 17.71
CA ASP D 29 2.22 12.05 19.08
C ASP D 29 1.01 12.96 19.28
N SER D 30 0.63 13.71 18.25
CA SER D 30 -0.56 14.53 18.33
C SER D 30 -1.19 14.61 16.97
N ILE D 31 -2.49 14.87 16.97
CA ILE D 31 -3.26 14.91 15.75
C ILE D 31 -4.57 15.65 15.96
N GLU D 32 -4.84 16.65 15.12
CA GLU D 32 -6.11 17.36 15.16
C GLU D 32 -6.62 17.70 13.78
N ILE D 33 -7.94 17.82 13.67
CA ILE D 33 -8.60 18.10 12.41
C ILE D 33 -8.35 19.57 12.11
N ILE D 34 -7.80 19.86 10.94
CA ILE D 34 -7.48 21.22 10.53
C ILE D 34 -8.42 21.71 9.42
N GLY D 35 -9.05 20.79 8.71
CA GLY D 35 -10.16 21.16 7.85
C GLY D 35 -10.86 19.98 7.20
N SER D 36 -11.99 20.27 6.57
CA SER D 36 -12.70 19.22 5.83
C SER D 36 -13.49 19.73 4.61
N SER D 40 -13.50 14.62 2.11
CA SER D 40 -12.12 14.53 2.55
C SER D 40 -11.95 15.15 3.91
N VAL D 41 -10.92 14.74 4.67
CA VAL D 41 -10.56 15.41 5.89
C VAL D 41 -9.08 15.61 5.92
N ALA D 42 -8.69 16.79 6.39
CA ALA D 42 -7.28 17.11 6.58
C ALA D 42 -6.90 17.24 8.05
N TYR D 43 -5.75 16.70 8.40
CA TYR D 43 -5.28 16.62 9.80
C TYR D 43 -3.92 17.29 9.97
N LEU D 44 -3.73 18.01 11.08
CA LEU D 44 -2.39 18.48 11.51
C LEU D 44 -1.82 17.48 12.51
N VAL D 45 -0.65 16.91 12.19
CA VAL D 45 -0.05 15.81 12.93
C VAL D 45 1.33 16.21 13.46
N ASN D 46 1.54 15.97 14.74
CA ASN D 46 2.81 16.32 15.45
C ASN D 46 3.15 17.82 15.31
N ASN D 47 2.12 18.63 15.15
CA ASN D 47 2.22 20.05 14.93
C ASN D 47 3.16 20.46 13.80
N GLU D 48 3.26 19.62 12.78
CA GLU D 48 4.32 19.74 11.78
C GLU D 48 3.89 19.26 10.38
N TYR D 49 3.12 18.17 10.34
CA TYR D 49 2.69 17.58 9.09
C TYR D 49 1.21 17.77 8.83
N ILE D 50 0.87 18.01 7.55
CA ILE D 50 -0.50 17.98 7.11
C ILE D 50 -0.68 16.62 6.49
N PHE D 51 -1.74 15.91 6.90
CA PHE D 51 -2.18 14.71 6.23
C PHE D 51 -3.59 14.93 5.65
N LYS D 52 -3.68 14.90 4.33
CA LYS D 52 -4.96 14.95 3.62
C LYS D 52 -5.39 13.51 3.36
N THR D 53 -6.66 13.24 3.58
CA THR D 53 -7.16 11.89 3.41
C THR D 53 -8.53 11.84 2.80
N LYS D 54 -8.79 10.73 2.10
CA LYS D 54 -9.98 10.62 1.29
C LYS D 54 -10.31 9.16 1.09
N PHE D 55 -11.59 8.85 1.03
CA PHE D 55 -12.01 7.45 0.80
C PHE D 55 -12.47 7.33 -0.65
N TYR D 63 -6.32 10.80 -5.24
CA TYR D 63 -5.13 11.64 -4.90
C TYR D 63 -3.87 11.28 -5.71
N ALA D 64 -3.98 10.35 -6.63
CA ALA D 64 -2.87 10.06 -7.53
C ALA D 64 -2.47 11.25 -8.42
N LYS D 65 -3.44 11.93 -9.03
CA LYS D 65 -3.14 13.07 -9.89
C LYS D 65 -2.57 14.23 -9.06
N GLU D 66 -3.14 14.49 -7.91
CA GLU D 66 -2.67 15.55 -7.07
C GLU D 66 -1.20 15.31 -6.69
N LYS D 67 -0.86 14.09 -6.35
CA LYS D 67 0.52 13.73 -6.06
C LYS D 67 1.44 13.91 -7.25
N ALA D 68 0.99 13.45 -8.41
CA ALA D 68 1.76 13.64 -9.66
C ALA D 68 1.99 15.12 -9.92
N ILE D 69 1.02 15.96 -9.58
CA ILE D 69 1.20 17.39 -9.83
C ILE D 69 2.20 18.02 -8.87
N TYR D 70 2.12 17.73 -7.57
CA TYR D 70 3.11 18.27 -6.63
C TYR D 70 4.51 17.79 -7.02
N ASN D 71 4.66 16.55 -7.40
CA ASN D 71 5.94 16.06 -7.79
C ASN D 71 6.46 16.81 -9.04
N PHE D 72 5.60 16.97 -10.04
CA PHE D 72 5.98 17.72 -11.24
C PHE D 72 6.35 19.17 -10.91
N LEU D 73 5.56 19.81 -10.04
CA LEU D 73 5.80 21.21 -9.78
C LEU D 73 7.05 21.43 -8.93
N ASN D 74 7.31 20.53 -7.97
CA ASN D 74 8.46 20.69 -7.09
C ASN D 74 9.78 20.47 -7.87
N THR D 75 9.72 19.69 -8.93
CA THR D 75 10.81 19.54 -9.88
C THR D 75 10.99 20.77 -10.80
N ASN D 76 9.90 21.32 -11.30
CA ASN D 76 9.98 22.26 -12.43
C ASN D 76 9.76 23.73 -12.13
N LEU D 77 9.09 24.05 -11.05
CA LEU D 77 8.90 25.49 -10.71
C LEU D 77 10.15 26.08 -10.14
N GLU D 78 10.50 27.29 -10.54
CA GLU D 78 11.53 28.09 -9.86
C GLU D 78 10.84 29.31 -9.25
N THR D 79 10.67 29.27 -7.94
CA THR D 79 9.87 30.25 -7.25
C THR D 79 10.20 30.13 -5.80
N ASN D 80 10.05 31.21 -5.03
CA ASN D 80 10.17 31.12 -3.59
C ASN D 80 8.86 30.91 -2.90
N VAL D 81 7.77 30.87 -3.65
CA VAL D 81 6.46 30.52 -3.08
C VAL D 81 6.43 29.04 -2.78
N LYS D 82 6.06 28.68 -1.56
CA LYS D 82 6.03 27.27 -1.17
C LYS D 82 4.74 26.55 -1.57
N ILE D 83 4.88 25.29 -1.94
CA ILE D 83 3.74 24.40 -2.19
C ILE D 83 3.96 23.09 -1.45
N PRO D 84 2.92 22.24 -1.35
CA PRO D 84 3.13 20.97 -0.64
C PRO D 84 4.25 20.18 -1.29
N ASN D 85 5.07 19.57 -0.43
CA ASN D 85 6.11 18.66 -0.90
C ASN D 85 5.87 17.29 -0.29
N ILE D 86 5.41 16.35 -1.10
CA ILE D 86 4.88 15.09 -0.55
C ILE D 86 5.97 14.17 -0.01
N GLU D 87 5.91 13.90 1.28
CA GLU D 87 6.83 12.92 1.89
C GLU D 87 6.20 11.61 2.15
N TYR D 88 4.89 11.58 2.33
CA TYR D 88 4.17 10.34 2.64
C TYR D 88 3.00 10.18 1.72
N SER D 89 2.87 9.03 1.11
CA SER D 89 1.71 8.78 0.28
C SER D 89 1.31 7.33 0.39
N TYR D 90 0.00 7.11 0.52
CA TYR D 90 -0.62 5.81 0.36
C TYR D 90 -1.83 5.97 -0.52
N ILE D 91 -1.81 5.25 -1.64
CA ILE D 91 -2.88 5.40 -2.62
C ILE D 91 -3.40 4.04 -3.01
N SER D 92 -4.69 3.88 -2.80
CA SER D 92 -5.47 2.70 -3.17
C SER D 92 -6.84 3.16 -3.67
N ASP D 93 -7.58 2.24 -4.22
CA ASP D 93 -8.93 2.47 -4.75
C ASP D 93 -9.83 3.11 -3.66
N GLU D 94 -9.72 2.56 -2.44
CA GLU D 94 -10.63 2.83 -1.35
C GLU D 94 -10.14 3.91 -0.40
N LEU D 95 -8.84 4.19 -0.43
CA LEU D 95 -8.26 5.12 0.53
C LEU D 95 -7.05 5.77 -0.03
N SER D 96 -6.97 7.09 0.11
CA SER D 96 -5.76 7.85 -0.23
C SER D 96 -5.36 8.77 0.89
N ILE D 97 -4.06 8.80 1.14
CA ILE D 97 -3.46 9.69 2.11
C ILE D 97 -2.23 10.39 1.50
N LEU D 98 -2.14 11.69 1.68
CA LEU D 98 -0.95 12.47 1.35
C LEU D 98 -0.51 13.20 2.59
N GLY D 99 0.79 13.11 2.90
CA GLY D 99 1.41 13.82 4.00
C GLY D 99 2.57 14.70 3.55
N TYR D 100 2.62 15.92 4.07
CA TYR D 100 3.65 16.88 3.74
C TYR D 100 3.81 17.83 4.90
N LYS D 101 4.94 18.52 4.96
CA LYS D 101 5.19 19.47 6.03
C LYS D 101 4.28 20.67 5.85
N GLU D 102 3.63 21.04 6.94
CA GLU D 102 2.75 22.21 6.97
C GLU D 102 3.47 23.44 6.49
N ILE D 103 2.88 24.13 5.54
CA ILE D 103 3.40 25.41 5.12
C ILE D 103 2.88 26.46 6.12
N LYS D 104 3.81 27.20 6.73
CA LYS D 104 3.46 28.13 7.79
C LYS D 104 3.08 29.50 7.19
N GLY D 105 2.06 30.14 7.72
CA GLY D 105 1.53 31.35 7.16
C GLY D 105 0.12 31.59 7.63
N THR D 106 -0.46 32.72 7.23
CA THR D 106 -1.84 33.11 7.48
C THR D 106 -2.60 33.19 6.17
N PHE D 107 -3.81 32.68 6.17
CA PHE D 107 -4.59 32.65 4.95
C PHE D 107 -5.13 34.01 4.60
N LEU D 108 -5.04 34.36 3.34
CA LEU D 108 -5.62 35.60 2.84
C LEU D 108 -7.13 35.58 2.99
N THR D 109 -7.67 36.68 3.47
CA THR D 109 -9.13 36.92 3.52
C THR D 109 -9.43 38.34 3.07
N PRO D 110 -10.68 38.62 2.70
CA PRO D 110 -11.11 40.00 2.43
C PRO D 110 -10.73 41.03 3.52
N GLU D 111 -10.92 40.63 4.76
CA GLU D 111 -10.67 41.49 5.89
C GLU D 111 -9.19 41.85 6.01
N ILE D 112 -8.34 40.86 5.87
CA ILE D 112 -6.90 41.06 5.89
C ILE D 112 -6.47 41.96 4.72
N TYR D 113 -7.02 41.71 3.54
CA TYR D 113 -6.62 42.47 2.38
C TYR D 113 -6.95 43.98 2.56
N SER D 114 -8.09 44.28 3.18
CA SER D 114 -8.51 45.62 3.33
C SER D 114 -7.67 46.43 4.33
N THR D 115 -6.99 45.74 5.25
CA THR D 115 -6.08 46.41 6.16
C THR D 115 -4.68 46.59 5.57
N MET D 116 -4.40 45.96 4.43
CA MET D 116 -3.05 46.03 3.88
C MET D 116 -2.83 47.39 3.25
N SER D 117 -1.60 47.91 3.35
CA SER D 117 -1.24 49.12 2.65
C SER D 117 -1.33 48.96 1.16
N GLU D 118 -1.43 50.07 0.42
CA GLU D 118 -1.53 50.00 -1.03
C GLU D 118 -0.32 49.28 -1.63
N GLU D 119 0.88 49.51 -1.07
CA GLU D 119 2.10 48.87 -1.53
C GLU D 119 2.05 47.37 -1.28
N GLU D 120 1.58 46.96 -0.11
CA GLU D 120 1.42 45.56 0.21
C GLU D 120 0.44 44.89 -0.73
N GLN D 121 -0.67 45.56 -1.03
CA GLN D 121 -1.63 45.00 -1.95
C GLN D 121 -1.01 44.83 -3.32
N ASN D 122 -0.29 45.81 -3.77
CA ASN D 122 0.36 45.76 -5.06
C ASN D 122 1.33 44.63 -5.17
N LEU D 123 2.13 44.41 -4.13
CA LEU D 123 3.14 43.32 -4.15
C LEU D 123 2.42 41.94 -4.19
N LEU D 124 1.32 41.82 -3.43
CA LEU D 124 0.58 40.57 -3.42
C LEU D 124 0.03 40.28 -4.80
N LYS D 125 -0.61 41.24 -5.44
CA LYS D 125 -1.10 41.07 -6.79
C LYS D 125 -0.01 40.68 -7.74
N ARG D 126 1.15 41.30 -7.59
CA ARG D 126 2.30 41.00 -8.48
C ARG D 126 2.81 39.62 -8.24
N ASP D 127 2.86 39.22 -6.97
CA ASP D 127 3.33 37.87 -6.61
C ASP D 127 2.38 36.83 -7.23
N ILE D 128 1.09 37.10 -7.16
CA ILE D 128 0.11 36.14 -7.68
C ILE D 128 0.26 36.06 -9.19
N ALA D 129 0.29 37.19 -9.86
CA ALA D 129 0.46 37.22 -11.30
C ALA D 129 1.70 36.50 -11.73
N SER D 130 2.77 36.69 -11.00
CA SER D 130 4.05 36.12 -11.35
C SER D 130 4.03 34.61 -11.21
N PHE D 131 3.40 34.14 -10.13
CA PHE D 131 3.33 32.70 -9.89
C PHE D 131 2.49 32.03 -10.99
N LEU D 132 1.35 32.59 -11.29
CA LEU D 132 0.47 32.08 -12.31
C LEU D 132 1.15 32.07 -13.65
N ARG D 133 1.90 33.13 -13.97
CA ARG D 133 2.58 33.19 -15.24
C ARG D 133 3.63 32.09 -15.36
N GLN D 134 4.36 31.87 -14.29
CA GLN D 134 5.35 30.80 -14.28
C GLN D 134 4.67 29.40 -14.41
N MET D 135 3.62 29.18 -13.66
CA MET D 135 2.97 27.85 -13.71
C MET D 135 2.36 27.61 -15.08
N HIS D 136 1.62 28.59 -15.59
CA HIS D 136 0.94 28.46 -16.87
C HIS D 136 1.91 28.34 -18.05
N GLY D 137 3.16 28.78 -17.85
CA GLY D 137 4.18 28.71 -18.88
C GLY D 137 4.93 27.37 -18.92
N LEU D 138 4.70 26.50 -17.94
CA LEU D 138 5.44 25.26 -17.90
C LEU D 138 5.09 24.34 -19.02
N ASP D 139 6.12 23.70 -19.59
CA ASP D 139 5.92 22.62 -20.53
C ASP D 139 5.32 21.49 -19.73
N TYR D 140 4.12 21.05 -20.12
CA TYR D 140 3.36 20.06 -19.32
C TYR D 140 3.39 18.65 -19.90
N THR D 141 4.34 18.41 -20.81
CA THR D 141 4.51 17.09 -21.43
C THR D 141 4.55 15.93 -20.44
N ASP D 142 5.32 16.12 -19.37
CA ASP D 142 5.51 15.08 -18.35
C ASP D 142 4.26 14.77 -17.50
N ILE D 143 3.25 15.62 -17.53
CA ILE D 143 1.99 15.32 -16.82
C ILE D 143 0.82 15.40 -17.77
N SER D 144 1.03 15.01 -19.03
CA SER D 144 0.04 15.31 -20.10
C SER D 144 -1.26 14.51 -19.98
N GLU D 145 -1.21 13.43 -19.18
CA GLU D 145 -2.40 12.66 -18.79
C GLU D 145 -3.39 13.46 -17.94
N CYS D 146 -2.94 14.53 -17.28
CA CYS D 146 -3.77 15.26 -16.30
C CYS D 146 -4.71 16.32 -16.93
N THR D 147 -5.34 16.00 -18.05
CA THR D 147 -6.18 16.96 -18.74
C THR D 147 -7.56 16.95 -18.11
N ILE D 148 -8.21 18.10 -18.15
CA ILE D 148 -9.56 18.24 -17.71
C ILE D 148 -10.34 19.01 -18.77
N ASP D 149 -11.46 18.45 -19.18
CA ASP D 149 -12.40 19.11 -20.05
C ASP D 149 -13.68 19.47 -19.27
N ASN D 150 -13.78 20.72 -18.91
CA ASN D 150 -14.95 21.23 -18.16
C ASN D 150 -16.28 21.05 -18.87
N LYS D 151 -16.31 21.27 -20.18
CA LYS D 151 -17.55 21.15 -20.90
C LYS D 151 -18.07 19.72 -20.85
N GLN D 152 -17.17 18.79 -21.12
CA GLN D 152 -17.52 17.38 -21.03
C GLN D 152 -17.93 16.97 -19.63
N ASN D 153 -17.26 17.46 -18.61
CA ASN D 153 -17.63 17.19 -17.22
C ASN D 153 -19.07 17.62 -16.94
N VAL D 154 -19.41 18.83 -17.41
CA VAL D 154 -20.73 19.35 -17.23
C VAL D 154 -21.77 18.49 -17.96
N LEU D 155 -21.46 18.09 -19.18
CA LEU D 155 -22.38 17.23 -19.90
C LEU D 155 -22.63 15.96 -19.17
N GLU D 156 -21.61 15.38 -18.57
CA GLU D 156 -21.79 14.17 -17.81
C GLU D 156 -22.62 14.37 -16.55
N GLU D 157 -22.41 15.49 -15.89
CA GLU D 157 -23.24 15.80 -14.74
C GLU D 157 -24.70 16.05 -15.13
N TYR D 158 -24.91 16.64 -16.30
CA TYR D 158 -26.26 16.87 -16.80
C TYR D 158 -26.94 15.54 -17.08
N ILE D 159 -26.22 14.59 -17.63
CA ILE D 159 -26.81 13.28 -17.89
C ILE D 159 -27.22 12.60 -16.60
N LEU D 160 -26.38 12.74 -15.58
CA LEU D 160 -26.71 12.23 -14.27
C LEU D 160 -27.99 12.87 -13.73
N LEU D 161 -28.16 14.19 -13.94
CA LEU D 161 -29.41 14.84 -13.53
C LEU D 161 -30.60 14.22 -14.25
N ARG D 162 -30.47 14.00 -15.56
CA ARG D 162 -31.53 13.46 -16.34
C ARG D 162 -31.89 12.06 -15.92
N GLU D 163 -30.91 11.32 -15.43
CA GLU D 163 -31.10 9.93 -14.99
C GLU D 163 -31.69 9.87 -13.59
N THR D 164 -31.69 10.98 -12.85
CA THR D 164 -32.10 10.94 -11.44
C THR D 164 -33.29 11.85 -11.21
N ILE D 165 -33.04 13.09 -10.82
CA ILE D 165 -34.12 13.95 -10.33
C ILE D 165 -34.69 14.98 -11.29
N TYR D 166 -34.14 15.08 -12.50
CA TYR D 166 -34.59 16.12 -13.43
C TYR D 166 -36.11 16.11 -13.65
N ASN D 167 -36.73 14.94 -13.79
CA ASN D 167 -38.13 14.88 -14.10
C ASN D 167 -39.02 15.41 -12.94
N ASP D 168 -38.52 15.36 -11.71
CA ASP D 168 -39.23 15.88 -10.56
C ASP D 168 -39.01 17.36 -10.27
N LEU D 169 -38.15 18.03 -11.03
CA LEU D 169 -37.89 19.45 -10.75
C LEU D 169 -39.04 20.28 -11.27
N THR D 170 -39.16 21.50 -10.79
CA THR D 170 -40.17 22.43 -11.30
C THR D 170 -39.83 22.98 -12.68
N ASP D 171 -40.80 23.57 -13.35
CA ASP D 171 -40.54 24.22 -14.64
C ASP D 171 -39.50 25.33 -14.54
N ILE D 172 -39.56 26.12 -13.49
CA ILE D 172 -38.57 27.17 -13.26
C ILE D 172 -37.14 26.59 -13.16
N GLU D 173 -37.02 25.48 -12.43
CA GLU D 173 -35.73 24.83 -12.22
C GLU D 173 -35.23 24.25 -13.54
N LYS D 174 -36.12 23.55 -14.22
CA LYS D 174 -35.79 23.01 -15.54
C LYS D 174 -35.35 24.08 -16.52
N ASP D 175 -36.05 25.21 -16.55
CA ASP D 175 -35.66 26.29 -17.47
C ASP D 175 -34.28 26.85 -17.15
N TYR D 176 -33.96 26.96 -15.87
CA TYR D 176 -32.65 27.47 -15.46
C TYR D 176 -31.57 26.53 -16.00
N ILE D 177 -31.80 25.23 -15.85
CA ILE D 177 -30.83 24.25 -16.28
C ILE D 177 -30.68 24.24 -17.82
N GLU D 178 -31.82 24.22 -18.52
CA GLU D 178 -31.76 24.19 -19.99
C GLU D 178 -31.16 25.43 -20.57
N SER D 179 -31.41 26.53 -19.92
CA SER D 179 -30.86 27.80 -20.38
C SER D 179 -29.38 27.86 -20.16
N PHE D 180 -28.90 27.26 -19.09
CA PHE D 180 -27.46 27.15 -18.86
C PHE D 180 -26.81 26.28 -19.89
N MET D 181 -27.42 25.15 -20.19
CA MET D 181 -26.85 24.20 -21.18
C MET D 181 -26.76 24.87 -22.58
N GLU D 182 -27.76 25.69 -22.90
CA GLU D 182 -27.74 26.41 -24.16
C GLU D 182 -26.57 27.40 -24.19
N ARG D 183 -26.34 28.12 -23.12
CA ARG D 183 -25.23 29.02 -23.02
C ARG D 183 -23.90 28.27 -23.12
N LEU D 184 -23.82 27.15 -22.41
CA LEU D 184 -22.60 26.37 -22.43
C LEU D 184 -22.25 25.87 -23.85
N ASN D 185 -23.30 25.57 -24.62
CA ASN D 185 -23.12 25.04 -25.95
C ASN D 185 -22.67 26.11 -26.96
N ALA D 186 -23.12 27.33 -26.73
CA ALA D 186 -22.85 28.45 -27.63
C ALA D 186 -21.55 29.19 -27.32
N THR D 187 -21.03 29.09 -26.09
CA THR D 187 -19.84 29.87 -25.70
C THR D 187 -18.58 29.47 -26.46
N THR D 188 -17.67 30.41 -26.59
CA THR D 188 -16.35 30.16 -27.21
C THR D 188 -15.22 30.20 -26.18
N VAL D 189 -15.54 30.32 -24.90
CA VAL D 189 -14.51 30.44 -23.88
C VAL D 189 -13.62 29.22 -23.66
N PHE D 190 -13.97 28.09 -24.24
CA PHE D 190 -13.16 26.88 -24.14
C PHE D 190 -12.15 26.76 -25.29
N GLU D 191 -12.03 27.77 -26.13
CA GLU D 191 -11.27 27.61 -27.33
C GLU D 191 -9.93 28.32 -27.29
N GLY D 192 -9.53 28.83 -26.14
CA GLY D 192 -8.25 29.44 -25.95
C GLY D 192 -7.17 28.46 -25.46
N LYS D 193 -6.10 29.05 -25.00
CA LYS D 193 -4.92 28.34 -24.54
C LYS D 193 -5.27 27.45 -23.35
N LYS D 194 -4.68 26.25 -23.41
CA LYS D 194 -4.70 25.26 -22.36
C LYS D 194 -3.36 25.29 -21.68
N CYS D 195 -3.38 25.14 -20.37
CA CYS D 195 -2.13 25.02 -19.64
C CYS D 195 -2.39 24.41 -18.30
N LEU D 196 -1.32 24.18 -17.55
CA LEU D 196 -1.47 23.67 -16.21
C LEU D 196 -1.97 24.78 -15.30
N CYS D 197 -3.13 24.55 -14.67
CA CYS D 197 -3.74 25.48 -13.73
C CYS D 197 -3.94 24.83 -12.37
N HIS D 198 -3.84 25.66 -11.34
CA HIS D 198 -4.20 25.26 -9.98
C HIS D 198 -5.67 24.80 -9.98
N ASN D 199 -6.51 25.60 -10.62
CA ASN D 199 -7.93 25.32 -10.87
C ASN D 199 -8.81 25.37 -9.62
N ASP D 200 -8.33 25.92 -8.53
CA ASP D 200 -9.18 26.21 -7.37
C ASP D 200 -8.53 27.32 -6.58
N PHE D 201 -8.22 28.37 -7.31
CA PHE D 201 -7.27 29.41 -6.85
C PHE D 201 -8.03 30.51 -6.15
N SER D 202 -8.45 30.21 -4.94
CA SER D 202 -9.28 31.10 -4.13
C SER D 202 -8.46 31.53 -2.96
N CYS D 203 -8.88 32.58 -2.25
CA CYS D 203 -7.97 33.09 -1.21
C CYS D 203 -7.80 32.21 0.02
N ASN D 204 -8.73 31.29 0.28
CA ASN D 204 -8.51 30.29 1.33
C ASN D 204 -7.40 29.24 1.01
N HIS D 205 -6.81 29.32 -0.19
CA HIS D 205 -5.65 28.49 -0.52
C HIS D 205 -4.36 29.26 -0.62
N LEU D 206 -4.40 30.54 -0.25
CA LEU D 206 -3.24 31.40 -0.35
C LEU D 206 -2.73 31.82 1.00
N LEU D 207 -1.44 31.57 1.23
CA LEU D 207 -0.82 31.86 2.53
C LEU D 207 0.04 33.10 2.46
N LEU D 208 -0.11 33.99 3.41
CA LEU D 208 0.77 35.15 3.60
C LEU D 208 1.76 34.95 4.76
N ASP D 209 2.96 35.52 4.63
CA ASP D 209 3.92 35.56 5.76
C ASP D 209 3.67 36.80 6.65
N GLY D 210 4.54 37.04 7.63
CA GLY D 210 4.38 38.17 8.55
C GLY D 210 4.38 39.57 7.94
N ASN D 211 4.94 39.71 6.75
CA ASN D 211 4.90 40.95 5.98
C ASN D 211 3.75 41.05 4.96
N ASN D 212 2.79 40.13 5.01
CA ASN D 212 1.68 40.05 4.02
C ASN D 212 2.15 39.88 2.58
N ARG D 213 3.27 39.19 2.44
CA ARG D 213 3.76 38.74 1.16
C ARG D 213 3.25 37.29 0.97
N LEU D 214 2.96 36.93 -0.28
CA LEU D 214 2.58 35.60 -0.61
C LEU D 214 3.72 34.66 -0.29
N THR D 215 3.45 33.70 0.58
CA THR D 215 4.47 32.77 1.02
C THR D 215 4.19 31.30 0.62
N GLY D 216 2.94 30.97 0.45
CA GLY D 216 2.58 29.64 -0.02
C GLY D 216 1.22 29.51 -0.65
N ILE D 217 1.07 28.41 -1.40
CA ILE D 217 -0.17 28.03 -2.06
C ILE D 217 -0.41 26.53 -1.83
N ILE D 218 -1.65 26.18 -1.48
CA ILE D 218 -2.02 24.81 -1.19
C ILE D 218 -3.17 24.34 -2.05
N ASP D 219 -3.47 23.03 -1.91
CA ASP D 219 -4.66 22.39 -2.52
C ASP D 219 -4.62 22.48 -4.04
N PHE D 220 -3.69 21.73 -4.61
CA PHE D 220 -3.62 21.55 -6.07
C PHE D 220 -4.46 20.32 -6.45
N GLY D 221 -5.44 20.01 -5.65
CA GLY D 221 -6.30 18.86 -5.84
C GLY D 221 -7.22 18.91 -7.01
N ASP D 222 -7.54 20.05 -7.57
CA ASP D 222 -8.33 20.10 -8.81
C ASP D 222 -7.42 20.42 -10.00
N SER D 223 -6.14 20.46 -9.79
CA SER D 223 -5.23 20.95 -10.82
C SER D 223 -5.13 20.02 -12.00
N GLY D 224 -4.85 20.62 -13.13
CA GLY D 224 -4.85 19.92 -14.37
C GLY D 224 -4.60 20.87 -15.53
N ILE D 225 -4.47 20.25 -16.69
CA ILE D 225 -4.30 20.93 -17.93
C ILE D 225 -5.71 21.29 -18.39
N ILE D 226 -5.94 22.61 -18.50
CA ILE D 226 -7.28 23.12 -18.63
C ILE D 226 -7.19 24.56 -19.18
N ASP D 227 -8.29 25.21 -19.45
CA ASP D 227 -8.25 26.58 -19.93
C ASP D 227 -7.51 27.53 -18.97
N GLU D 228 -6.64 28.34 -19.58
CA GLU D 228 -5.91 29.40 -18.86
C GLU D 228 -6.83 30.29 -18.04
N TYR D 229 -8.04 30.52 -18.51
CA TYR D 229 -9.01 31.40 -17.81
C TYR D 229 -9.38 30.89 -16.40
N CYS D 230 -9.26 29.58 -16.22
CA CYS D 230 -9.68 28.92 -14.98
C CYS D 230 -9.04 29.41 -13.73
N ASP D 231 -7.79 29.83 -13.78
CA ASP D 231 -7.12 30.30 -12.56
C ASP D 231 -7.54 31.71 -12.13
N PHE D 232 -8.45 32.32 -12.88
CA PHE D 232 -8.95 33.64 -12.53
C PHE D 232 -10.39 33.68 -12.05
N ILE D 233 -11.02 32.54 -12.00
CA ILE D 233 -12.44 32.41 -11.72
C ILE D 233 -12.76 32.88 -10.30
N TYR D 234 -11.88 32.60 -9.36
CA TYR D 234 -12.15 32.99 -7.98
C TYR D 234 -11.63 34.37 -7.67
N LEU D 235 -10.52 34.74 -8.35
CA LEU D 235 -9.97 36.08 -8.23
C LEU D 235 -11.00 37.09 -8.73
N LEU D 236 -11.83 36.72 -9.67
CA LEU D 236 -12.85 37.56 -10.22
C LEU D 236 -14.20 37.50 -9.53
N GLU D 237 -14.34 36.63 -8.53
CA GLU D 237 -15.61 36.37 -7.91
C GLU D 237 -16.02 37.47 -6.97
N ASP D 238 -17.31 37.83 -7.06
CA ASP D 238 -17.89 38.83 -6.16
C ASP D 238 -18.70 38.08 -5.10
N SER D 239 -18.14 37.92 -3.90
CA SER D 239 -18.80 37.16 -2.82
C SER D 239 -18.16 37.52 -1.51
N GLU D 240 -18.72 37.03 -0.43
CA GLU D 240 -18.18 37.32 0.92
C GLU D 240 -16.82 36.61 1.17
N GLU D 241 -16.58 35.53 0.46
CA GLU D 241 -15.39 34.74 0.68
C GLU D 241 -14.19 35.26 -0.10
N GLU D 242 -14.43 35.98 -1.18
CA GLU D 242 -13.36 36.45 -2.04
C GLU D 242 -13.21 37.94 -1.99
N ILE D 243 -12.08 38.42 -2.48
CA ILE D 243 -11.74 39.83 -2.37
C ILE D 243 -12.64 40.73 -3.21
N GLY D 244 -12.87 40.35 -4.43
CA GLY D 244 -13.78 41.09 -5.32
C GLY D 244 -13.26 41.20 -6.74
N THR D 245 -14.18 41.52 -7.64
CA THR D 245 -13.92 41.63 -9.08
C THR D 245 -12.73 42.54 -9.40
N ASN D 246 -12.55 43.64 -8.68
CA ASN D 246 -11.44 44.56 -8.96
C ASN D 246 -10.07 43.96 -8.74
N PHE D 247 -9.96 43.08 -7.77
CA PHE D 247 -8.77 42.31 -7.43
C PHE D 247 -8.37 41.46 -8.60
N GLY D 248 -9.33 40.71 -9.10
CA GLY D 248 -9.13 39.86 -10.30
C GLY D 248 -8.80 40.64 -11.57
N GLU D 249 -9.47 41.79 -11.78
CA GLU D 249 -9.19 42.60 -12.93
C GLU D 249 -7.74 43.09 -12.90
N ASP D 250 -7.33 43.58 -11.73
CA ASP D 250 -5.98 44.11 -11.61
C ASP D 250 -4.92 43.04 -11.83
N ILE D 251 -5.19 41.85 -11.30
CA ILE D 251 -4.27 40.73 -11.48
C ILE D 251 -4.18 40.34 -12.90
N LEU D 252 -5.33 40.34 -13.58
CA LEU D 252 -5.36 40.06 -15.02
C LEU D 252 -4.50 41.04 -15.82
N ARG D 253 -4.56 42.32 -15.45
CA ARG D 253 -3.78 43.32 -16.14
C ARG D 253 -2.31 43.16 -15.89
N MET D 254 -1.93 42.80 -14.67
CA MET D 254 -0.52 42.52 -14.37
C MET D 254 -0.02 41.28 -15.03
N TYR D 255 -0.89 40.28 -15.11
CA TYR D 255 -0.51 39.01 -15.73
C TYR D 255 -0.25 39.24 -17.20
N GLY D 256 -1.15 40.00 -17.84
CA GLY D 256 -1.02 40.38 -19.24
C GLY D 256 -1.36 39.30 -20.25
N ASN D 257 -1.49 39.71 -21.52
CA ASN D 257 -1.66 38.78 -22.65
C ASN D 257 -2.76 37.77 -22.41
N ILE D 258 -3.89 38.28 -21.95
CA ILE D 258 -5.08 37.50 -21.77
C ILE D 258 -6.30 38.37 -21.97
N ASP D 259 -7.31 37.79 -22.60
CA ASP D 259 -8.55 38.46 -22.94
C ASP D 259 -9.42 38.55 -21.70
N ILE D 260 -9.48 39.74 -21.12
CA ILE D 260 -10.14 39.93 -19.83
C ILE D 260 -11.65 39.73 -19.94
N GLU D 261 -12.25 40.11 -21.06
CA GLU D 261 -13.68 39.92 -21.22
C GLU D 261 -14.05 38.43 -21.23
N LYS D 262 -13.22 37.63 -21.90
CA LYS D 262 -13.44 36.18 -21.90
C LYS D 262 -13.18 35.55 -20.59
N ALA D 263 -12.19 36.00 -19.87
CA ALA D 263 -11.97 35.53 -18.49
C ALA D 263 -13.18 35.81 -17.62
N LYS D 264 -13.80 36.98 -17.80
CA LYS D 264 -15.01 37.27 -17.08
C LYS D 264 -16.18 36.48 -17.54
N GLU D 265 -16.30 36.21 -18.84
CA GLU D 265 -17.35 35.35 -19.33
C GLU D 265 -17.21 33.95 -18.74
N TYR D 266 -16.00 33.44 -18.67
CA TYR D 266 -15.71 32.12 -18.13
C TYR D 266 -16.14 32.08 -16.66
N GLN D 267 -15.72 33.06 -15.90
CA GLN D 267 -16.19 33.14 -14.50
C GLN D 267 -17.70 33.22 -14.38
N ASP D 268 -18.35 33.97 -15.25
CA ASP D 268 -19.83 34.16 -15.16
C ASP D 268 -20.55 32.86 -15.48
N ILE D 269 -20.04 32.09 -16.44
CA ILE D 269 -20.62 30.80 -16.75
C ILE D 269 -20.43 29.82 -15.59
N VAL D 270 -19.24 29.80 -14.97
CA VAL D 270 -19.00 28.95 -13.84
C VAL D 270 -19.94 29.35 -12.71
N GLU D 271 -20.14 30.64 -12.51
CA GLU D 271 -21.00 31.13 -11.46
C GLU D 271 -22.45 30.73 -11.76
N GLU D 272 -22.88 30.78 -13.02
CA GLU D 272 -24.22 30.36 -13.37
C GLU D 272 -24.42 28.88 -13.06
N TYR D 273 -23.38 28.09 -13.24
CA TYR D 273 -23.42 26.65 -12.97
C TYR D 273 -23.52 26.28 -11.51
N TYR D 274 -23.06 27.15 -10.63
CA TYR D 274 -22.93 26.83 -9.20
C TYR D 274 -24.13 26.14 -8.54
N PRO D 275 -25.34 26.66 -8.70
CA PRO D 275 -26.51 25.95 -8.15
C PRO D 275 -26.70 24.53 -8.68
N ILE D 276 -26.39 24.33 -9.94
CA ILE D 276 -26.54 23.01 -10.55
C ILE D 276 -25.46 22.10 -10.02
N GLU D 277 -24.26 22.63 -9.91
CA GLU D 277 -23.14 21.90 -9.32
C GLU D 277 -23.48 21.46 -7.90
N THR D 278 -24.17 22.32 -7.15
CA THR D 278 -24.55 22.05 -5.78
C THR D 278 -25.55 20.93 -5.75
N ILE D 279 -26.54 21.00 -6.65
CA ILE D 279 -27.56 19.93 -6.72
C ILE D 279 -26.90 18.58 -7.01
N VAL D 280 -25.99 18.58 -7.97
CA VAL D 280 -25.31 17.38 -8.42
C VAL D 280 -24.46 16.79 -7.30
N TYR D 281 -23.79 17.64 -6.54
CA TYR D 281 -23.05 17.18 -5.38
C TYR D 281 -23.97 16.49 -4.42
N GLY D 282 -25.15 17.04 -4.20
CA GLY D 282 -26.11 16.45 -3.28
C GLY D 282 -26.60 15.09 -3.75
N ILE D 283 -26.80 14.94 -5.06
CA ILE D 283 -27.20 13.65 -5.60
C ILE D 283 -26.10 12.62 -5.44
N LYS D 284 -24.90 12.97 -5.86
CA LYS D 284 -23.75 12.04 -5.84
C LYS D 284 -23.41 11.56 -4.44
N ASN D 285 -23.53 12.45 -3.46
CA ASN D 285 -23.14 12.16 -2.07
C ASN D 285 -24.34 11.87 -1.19
N ILE D 286 -25.50 11.70 -1.81
CA ILE D 286 -26.74 11.44 -1.07
C ILE D 286 -26.92 12.42 0.09
N LYS D 287 -26.93 13.71 -0.24
CA LYS D 287 -27.05 14.78 0.74
C LYS D 287 -28.15 15.73 0.33
N GLN D 288 -29.36 15.48 0.86
CA GLN D 288 -30.56 16.22 0.47
C GLN D 288 -30.42 17.73 0.64
N GLU D 289 -29.76 18.09 1.72
CA GLU D 289 -29.45 19.47 2.08
C GLU D 289 -28.91 20.25 0.87
N PHE D 290 -27.98 19.66 0.14
CA PHE D 290 -27.35 20.32 -1.00
C PHE D 290 -28.31 20.43 -2.20
N ILE D 291 -29.14 19.41 -2.40
CA ILE D 291 -30.13 19.44 -3.47
C ILE D 291 -31.10 20.61 -3.21
N GLU D 292 -31.57 20.72 -1.97
CA GLU D 292 -32.47 21.80 -1.58
C GLU D 292 -31.82 23.16 -1.70
N ASN D 293 -30.55 23.27 -1.28
CA ASN D 293 -29.84 24.55 -1.35
C ASN D 293 -29.67 25.04 -2.79
N GLY D 294 -29.28 24.12 -3.67
CA GLY D 294 -29.13 24.50 -5.06
C GLY D 294 -30.44 24.92 -5.72
N ARG D 295 -31.52 24.20 -5.42
CA ARG D 295 -32.84 24.51 -5.96
C ARG D 295 -33.33 25.85 -5.46
N LYS D 296 -33.13 26.12 -4.19
CA LYS D 296 -33.50 27.41 -3.63
C LYS D 296 -32.73 28.55 -4.32
N GLU D 297 -31.44 28.30 -4.55
CA GLU D 297 -30.60 29.32 -5.18
C GLU D 297 -31.05 29.62 -6.65
N ILE D 298 -31.55 28.61 -7.33
CA ILE D 298 -32.17 28.84 -8.63
C ILE D 298 -33.33 29.85 -8.56
N TYR D 299 -34.23 29.67 -7.59
CA TYR D 299 -35.33 30.65 -7.36
C TYR D 299 -34.83 32.03 -7.03
N LYS D 300 -33.83 32.09 -6.14
CA LYS D 300 -33.25 33.42 -5.85
C LYS D 300 -32.72 34.11 -7.12
N ARG D 301 -31.97 33.37 -7.90
CA ARG D 301 -31.42 33.92 -9.16
C ARG D 301 -32.48 34.25 -10.19
N THR D 302 -33.59 33.49 -10.23
CA THR D 302 -34.65 33.77 -11.21
C THR D 302 -35.38 35.12 -10.89
#